data_5I7R
#
_entry.id   5I7R
#
_cell.length_a   72.170
_cell.length_b   86.487
_cell.length_c   101.584
_cell.angle_alpha   90.00
_cell.angle_beta   90.00
_cell.angle_gamma   90.00
#
_symmetry.space_group_name_H-M   'P 21 21 21'
#
loop_
_entity.id
_entity.type
_entity.pdbx_description
1 polymer 'O-phosphoserine sulfhydrylase'
2 non-polymer "PYRIDOXAL-5'-PHOSPHATE"
3 non-polymer "3-{[([1,1'-biphenyl]-3-yl)carbamoyl]amino}benzoic acid"
4 non-polymer 'ACETATE ION'
5 water water
#
_entity_poly.entity_id   1
_entity_poly.type   'polypeptide(L)'
_entity_poly.pdbx_seq_one_letter_code
;GSHMARYDSLLQALGNTPLVGLQRLSPRWDDGRDGPHVRLWAKLEDRNPTGSIKDRPAVRMIEQAEADGLLRPGATILEP
TSGNTGISLAMAARLKGYRLICVMPENTSVERRQLLELYGAQIIFSAAEGGSNTAVATAKELAATNPSWVMLYQYGNPAN
TDSHYCGTGPELLADLPEITHFVAGLGTTGTLMGTGRFLREHVANVKIVAAEPRYGEGVYALRNMDEGFVPELYDPEILT
ARYSVGAVDAVRRTRELVHTEGIFAGISTGAVLHAALGVGAGALAAGERADIALVVADAGWKYLSTGAYAGSLDDAETAL
EGQLWA
;
_entity_poly.pdbx_strand_id   B,A
#
loop_
_chem_comp.id
_chem_comp.type
_chem_comp.name
_chem_comp.formula
68W non-polymer '3-{[([1,1'-biphenyl]-3-yl)carbamoyl]amino}benzoic acid' 'C20 H16 N2 O3'
ACT non-polymer 'ACETATE ION' 'C2 H3 O2 -1'
PLP non-polymer PYRIDOXAL-5'-PHOSPHATE 'C8 H10 N O6 P'
#
# COMPACT_ATOMS: atom_id res chain seq x y z
N ALA A 5 -10.56 -0.82 14.62
CA ALA A 5 -10.16 -0.16 13.35
C ALA A 5 -11.31 -0.13 12.32
N ARG A 6 -12.51 0.28 12.78
CA ARG A 6 -13.69 0.38 11.90
C ARG A 6 -13.98 1.81 11.48
N TYR A 7 -14.16 2.03 10.18
CA TYR A 7 -14.29 3.35 9.61
C TYR A 7 -15.45 3.39 8.63
N ASP A 8 -16.32 4.37 8.80
CA ASP A 8 -17.43 4.56 7.88
C ASP A 8 -16.98 5.04 6.53
N SER A 9 -15.82 5.68 6.51
CA SER A 9 -15.30 6.28 5.30
C SER A 9 -13.80 5.95 5.18
N LEU A 10 -13.38 5.62 3.97
CA LEU A 10 -11.95 5.43 3.62
C LEU A 10 -11.11 6.65 4.05
N LEU A 11 -11.72 7.82 3.97
CA LEU A 11 -11.02 9.04 4.37
C LEU A 11 -10.63 9.10 5.79
N GLN A 12 -11.30 8.33 6.64
CA GLN A 12 -10.92 8.18 8.03
C GLN A 12 -9.78 7.18 8.27
N ALA A 13 -9.48 6.33 7.30
CA ALA A 13 -8.45 5.28 7.44
C ALA A 13 -7.15 5.78 6.82
N LEU A 14 -6.72 6.91 7.35
CA LEU A 14 -5.65 7.70 6.81
C LEU A 14 -4.83 8.16 8.02
N GLY A 15 -3.50 8.23 7.90
CA GLY A 15 -2.66 8.58 9.01
C GLY A 15 -2.63 7.51 10.09
N ASN A 16 -2.14 7.87 11.26
CA ASN A 16 -1.81 6.90 12.31
C ASN A 16 -1.05 5.73 11.72
N THR A 17 0.00 6.04 10.95
CA THR A 17 0.74 5.02 10.29
C THR A 17 1.77 4.37 11.23
N PRO A 18 2.21 3.15 10.89
CA PRO A 18 3.19 2.48 11.75
C PRO A 18 4.60 3.06 11.71
N LEU A 19 5.28 2.97 12.84
CA LEU A 19 6.66 3.35 12.96
C LEU A 19 7.41 2.08 13.26
N VAL A 20 8.33 1.72 12.39
CA VAL A 20 9.06 0.47 12.47
C VAL A 20 10.54 0.71 12.75
N GLY A 21 11.05 0.12 13.82
CA GLY A 21 12.48 0.17 14.07
C GLY A 21 13.23 -0.64 13.06
N LEU A 22 14.34 -0.11 12.59
CA LEU A 22 15.14 -0.81 11.62
C LEU A 22 16.38 -1.38 12.36
N GLN A 23 16.20 -2.53 13.00
CA GLN A 23 17.27 -3.07 13.86
C GLN A 23 18.52 -3.47 13.10
N ARG A 24 18.35 -3.94 11.86
CA ARG A 24 19.43 -4.49 11.06
C ARG A 24 20.19 -3.34 10.37
N LEU A 25 19.45 -2.33 9.91
CA LEU A 25 20.06 -1.25 9.15
C LEU A 25 20.61 -0.14 10.04
N SER A 26 20.09 -0.05 11.27
CA SER A 26 20.55 0.97 12.20
C SER A 26 22.07 0.87 12.45
N PRO A 27 22.76 2.00 12.56
CA PRO A 27 24.22 1.97 12.85
C PRO A 27 24.52 1.23 14.14
N ARG A 28 23.72 1.46 15.18
CA ARG A 28 23.85 0.72 16.44
C ARG A 28 22.54 0.66 17.23
N TRP A 29 21.86 -0.46 17.13
CA TRP A 29 20.56 -0.62 17.76
C TRP A 29 20.63 -0.65 19.31
N ASP A 30 21.60 -1.38 19.85
CA ASP A 30 21.72 -1.52 21.32
C ASP A 30 22.70 -0.54 21.95
N ASP A 31 22.33 0.10 23.05
CA ASP A 31 23.26 0.94 23.81
C ASP A 31 24.36 0.07 24.40
N GLY A 32 25.50 0.69 24.73
CA GLY A 32 26.59 -0.05 25.38
C GLY A 32 27.93 0.64 25.47
N ARG A 33 28.97 -0.18 25.61
CA ARG A 33 30.32 0.24 25.96
C ARG A 33 30.97 1.08 24.86
N ASP A 34 30.71 0.71 23.60
CA ASP A 34 31.19 1.48 22.45
C ASP A 34 30.51 2.84 22.38
N GLY A 35 29.33 2.94 22.98
CA GLY A 35 28.61 4.22 23.04
C GLY A 35 27.09 4.07 22.95
N PRO A 36 26.38 5.19 23.06
CA PRO A 36 24.91 5.12 23.01
C PRO A 36 24.36 4.58 21.66
N HIS A 37 23.07 4.24 21.67
CA HIS A 37 22.42 3.71 20.46
C HIS A 37 22.22 4.80 19.43
N VAL A 38 22.26 4.36 18.16
CA VAL A 38 21.96 5.19 17.00
C VAL A 38 20.95 4.38 16.17
N ARG A 39 19.67 4.71 16.37
CA ARG A 39 18.57 3.93 15.84
C ARG A 39 17.83 4.70 14.76
N LEU A 40 17.47 3.97 13.71
CA LEU A 40 16.55 4.49 12.67
C LEU A 40 15.16 3.88 12.87
N TRP A 41 14.14 4.70 12.65
CA TRP A 41 12.74 4.32 12.76
C TRP A 41 11.99 4.78 11.47
N ALA A 42 11.37 3.85 10.75
CA ALA A 42 10.70 4.16 9.47
C ALA A 42 9.21 4.37 9.66
N LYS A 43 8.73 5.51 9.20
CA LYS A 43 7.33 5.92 9.29
C LYS A 43 6.64 5.58 7.95
N LEU A 44 5.72 4.62 7.97
CA LEU A 44 5.26 3.93 6.73
C LEU A 44 4.07 4.63 6.12
N GLU A 45 4.32 5.70 5.36
CA GLU A 45 3.24 6.49 4.78
C GLU A 45 2.62 5.90 3.52
N ASP A 46 3.10 4.75 3.10
CA ASP A 46 2.39 3.92 2.12
C ASP A 46 1.13 3.24 2.67
N ARG A 47 0.98 3.19 4.00
CA ARG A 47 -0.22 2.65 4.63
C ARG A 47 -1.26 3.77 4.76
N ASN A 48 -1.65 4.29 3.62
CA ASN A 48 -2.66 5.35 3.48
C ASN A 48 -3.46 4.95 2.25
N PRO A 49 -4.69 5.44 2.12
CA PRO A 49 -5.64 5.04 1.07
C PRO A 49 -5.07 4.86 -0.33
N THR A 50 -4.27 5.79 -0.84
CA THR A 50 -3.68 5.68 -2.15
C THR A 50 -2.21 5.28 -2.16
N GLY A 51 -1.67 4.92 -0.99
CA GLY A 51 -0.30 4.45 -0.91
C GLY A 51 0.78 5.52 -0.85
N SER A 52 0.41 6.74 -0.47
CA SER A 52 1.43 7.79 -0.26
C SER A 52 1.07 8.78 0.82
N ILE A 53 2.11 9.46 1.28
CA ILE A 53 1.91 10.52 2.26
C ILE A 53 1.01 11.66 1.80
N LYS A 54 0.80 11.77 0.49
CA LYS A 54 0.01 12.88 -0.03
C LYS A 54 -1.42 12.78 0.33
N ASP A 55 -1.87 11.63 0.82
CA ASP A 55 -3.26 11.57 1.31
C ASP A 55 -3.55 12.56 2.44
N ARG A 56 -2.54 12.82 3.28
CA ARG A 56 -2.65 13.80 4.36
C ARG A 56 -2.91 15.23 3.89
N PRO A 57 -2.00 15.83 3.10
CA PRO A 57 -2.29 17.15 2.62
C PRO A 57 -3.49 17.25 1.68
N ALA A 58 -3.73 16.23 0.89
CA ALA A 58 -4.81 16.30 -0.05
C ALA A 58 -6.15 16.42 0.70
N VAL A 59 -6.39 15.54 1.65
CA VAL A 59 -7.64 15.56 2.38
C VAL A 59 -7.77 16.87 3.17
N ARG A 60 -6.69 17.28 3.82
CA ARG A 60 -6.76 18.48 4.62
C ARG A 60 -6.95 19.75 3.79
N MET A 61 -6.32 19.85 2.63
CA MET A 61 -6.56 20.97 1.71
C MET A 61 -8.04 21.07 1.25
N ILE A 62 -8.63 19.93 0.95
CA ILE A 62 -10.03 19.89 0.54
C ILE A 62 -10.92 20.32 1.72
N GLU A 63 -10.64 19.81 2.89
CA GLU A 63 -11.43 20.09 4.11
C GLU A 63 -11.32 21.54 4.55
N GLN A 64 -10.13 22.11 4.43
CA GLN A 64 -9.93 23.53 4.68
C GLN A 64 -10.64 24.39 3.66
N ALA A 65 -10.61 24.01 2.39
CA ALA A 65 -11.34 24.76 1.40
C ALA A 65 -12.86 24.72 1.68
N GLU A 66 -13.35 23.55 2.05
CA GLU A 66 -14.75 23.40 2.49
C GLU A 66 -15.10 24.34 3.66
N ALA A 67 -14.26 24.32 4.68
CA ALA A 67 -14.42 25.14 5.88
C ALA A 67 -14.40 26.63 5.51
N ASP A 68 -13.53 27.01 4.60
CA ASP A 68 -13.41 28.41 4.20
C ASP A 68 -14.52 28.89 3.29
N GLY A 69 -15.44 28.00 2.90
CA GLY A 69 -16.54 28.38 2.02
C GLY A 69 -16.21 28.43 0.54
N LEU A 70 -15.06 27.87 0.16
CA LEU A 70 -14.59 27.90 -1.21
C LEU A 70 -15.10 26.73 -2.04
N LEU A 71 -15.57 25.67 -1.41
CA LEU A 71 -15.96 24.45 -2.14
C LEU A 71 -17.36 24.02 -1.74
N ARG A 72 -18.30 24.11 -2.67
CA ARG A 72 -19.69 23.70 -2.45
C ARG A 72 -20.04 22.56 -3.37
N PRO A 73 -21.21 21.92 -3.16
CA PRO A 73 -21.61 20.80 -3.99
C PRO A 73 -21.46 21.09 -5.48
N GLY A 74 -20.93 20.10 -6.19
CA GLY A 74 -20.71 20.23 -7.62
C GLY A 74 -19.45 20.97 -8.04
N ALA A 75 -18.60 21.38 -7.09
CA ALA A 75 -17.42 22.16 -7.45
C ALA A 75 -16.38 21.24 -8.17
N THR A 76 -15.49 21.87 -8.92
CA THR A 76 -14.34 21.24 -9.53
C THR A 76 -13.04 21.71 -8.89
N ILE A 77 -12.23 20.75 -8.44
CA ILE A 77 -10.85 21.08 -8.04
C ILE A 77 -9.89 21.03 -9.23
N LEU A 78 -9.00 22.02 -9.27
CA LEU A 78 -7.95 22.09 -10.27
C LEU A 78 -6.61 22.03 -9.54
N GLU A 79 -5.66 21.21 -10.01
CA GLU A 79 -4.33 21.23 -9.40
C GLU A 79 -3.30 20.89 -10.47
N PRO A 80 -2.21 21.67 -10.54
CA PRO A 80 -1.17 21.32 -11.49
C PRO A 80 -0.25 20.24 -10.90
N THR A 81 -0.44 19.00 -11.31
CA THR A 81 0.24 17.86 -10.71
C THR A 81 0.10 16.69 -11.67
N SER A 82 1.10 15.84 -11.74
CA SER A 82 0.96 14.53 -12.39
C SER A 82 1.38 13.39 -11.42
N GLY A 83 1.45 13.68 -10.13
CA GLY A 83 2.04 12.75 -9.18
C GLY A 83 1.12 12.31 -8.09
N ASN A 84 1.75 11.99 -6.94
CA ASN A 84 1.03 11.49 -5.77
C ASN A 84 -0.05 12.41 -5.31
N THR A 85 0.18 13.74 -5.41
CA THR A 85 -0.85 14.68 -4.99
C THR A 85 -2.08 14.55 -5.87
N GLY A 86 -1.88 14.39 -7.18
CA GLY A 86 -3.00 14.14 -8.09
C GLY A 86 -3.74 12.87 -7.79
N ILE A 87 -3.02 11.79 -7.45
CA ILE A 87 -3.66 10.55 -7.08
C ILE A 87 -4.50 10.70 -5.82
N SER A 88 -3.92 11.33 -4.81
CA SER A 88 -4.59 11.56 -3.55
C SER A 88 -5.80 12.45 -3.70
N LEU A 89 -5.66 13.53 -4.46
CA LEU A 89 -6.82 14.41 -4.66
C LEU A 89 -7.91 13.74 -5.47
N ALA A 90 -7.53 12.92 -6.43
CA ALA A 90 -8.53 12.20 -7.20
C ALA A 90 -9.39 11.30 -6.31
N MET A 91 -8.74 10.53 -5.42
CA MET A 91 -9.45 9.67 -4.49
C MET A 91 -10.34 10.50 -3.56
N ALA A 92 -9.77 11.55 -2.97
CA ALA A 92 -10.45 12.30 -1.96
C ALA A 92 -11.58 13.10 -2.57
N ALA A 93 -11.33 13.66 -3.74
CA ALA A 93 -12.33 14.50 -4.41
C ALA A 93 -13.53 13.69 -4.76
N ARG A 94 -13.27 12.54 -5.38
CA ARG A 94 -14.28 11.57 -5.74
C ARG A 94 -15.13 11.20 -4.55
N LEU A 95 -14.51 10.89 -3.40
CA LEU A 95 -15.28 10.52 -2.22
C LEU A 95 -16.09 11.65 -1.60
N LYS A 96 -15.67 12.89 -1.77
CA LYS A 96 -16.40 14.03 -1.17
C LYS A 96 -17.35 14.71 -2.16
N GLY A 97 -17.43 14.18 -3.39
CA GLY A 97 -18.37 14.68 -4.39
C GLY A 97 -17.89 15.75 -5.36
N TYR A 98 -16.57 15.91 -5.49
CA TYR A 98 -16.01 16.90 -6.39
C TYR A 98 -15.42 16.28 -7.62
N ARG A 99 -15.38 17.04 -8.70
CA ARG A 99 -14.62 16.69 -9.86
C ARG A 99 -13.17 17.15 -9.62
N LEU A 100 -12.24 16.44 -10.22
CA LEU A 100 -10.83 16.84 -10.22
C LEU A 100 -10.31 16.97 -11.64
N ILE A 101 -9.71 18.11 -11.94
CA ILE A 101 -8.91 18.26 -13.14
C ILE A 101 -7.44 18.46 -12.77
N CYS A 102 -6.58 17.57 -13.23
CA CYS A 102 -5.14 17.69 -13.06
C CYS A 102 -4.61 18.34 -14.31
N VAL A 103 -3.82 19.41 -14.14
CA VAL A 103 -3.16 20.04 -15.25
C VAL A 103 -1.69 19.62 -15.31
N MET A 104 -1.25 19.14 -16.45
CA MET A 104 0.14 18.68 -16.62
C MET A 104 0.61 18.84 -18.05
N PRO A 105 1.94 18.89 -18.26
CA PRO A 105 2.47 19.02 -19.60
C PRO A 105 2.11 17.89 -20.54
N GLU A 106 2.00 18.26 -21.81
CA GLU A 106 1.59 17.34 -22.88
C GLU A 106 2.50 16.11 -22.96
N ASN A 107 3.74 16.26 -22.56
CA ASN A 107 4.66 15.11 -22.68
C ASN A 107 4.73 14.28 -21.36
N THR A 108 3.67 14.29 -20.56
CA THR A 108 3.70 13.54 -19.30
C THR A 108 3.56 12.05 -19.59
N SER A 109 4.25 11.22 -18.81
CA SER A 109 4.30 9.80 -19.12
C SER A 109 2.94 9.17 -19.02
N VAL A 110 2.71 8.16 -19.86
CA VAL A 110 1.44 7.45 -19.86
C VAL A 110 1.19 6.74 -18.52
N GLU A 111 2.25 6.27 -17.90
CA GLU A 111 2.17 5.64 -16.60
C GLU A 111 1.54 6.56 -15.56
N ARG A 112 2.03 7.79 -15.48
CA ARG A 112 1.45 8.73 -14.52
C ARG A 112 0.00 8.97 -14.88
N ARG A 113 -0.28 9.19 -16.16
CA ARG A 113 -1.65 9.42 -16.59
C ARG A 113 -2.61 8.33 -16.16
N GLN A 114 -2.22 7.08 -16.33
CA GLN A 114 -3.13 5.96 -16.03
C GLN A 114 -3.48 5.88 -14.55
N LEU A 115 -2.56 6.21 -13.66
CA LEU A 115 -2.88 6.16 -12.24
C LEU A 115 -3.89 7.26 -11.87
N LEU A 116 -3.75 8.45 -12.45
CA LEU A 116 -4.69 9.51 -12.22
C LEU A 116 -6.08 9.18 -12.76
N GLU A 117 -6.11 8.62 -13.97
CA GLU A 117 -7.37 8.28 -14.64
C GLU A 117 -8.12 7.20 -13.90
N LEU A 118 -7.44 6.20 -13.36
CA LEU A 118 -8.18 5.08 -12.73
C LEU A 118 -8.85 5.52 -11.43
N TYR A 119 -8.32 6.57 -10.81
CA TYR A 119 -8.99 7.16 -9.67
C TYR A 119 -10.02 8.21 -10.09
N GLY A 120 -10.19 8.44 -11.39
CA GLY A 120 -11.26 9.33 -11.91
C GLY A 120 -10.89 10.77 -12.21
N ALA A 121 -9.61 11.10 -12.17
CA ALA A 121 -9.16 12.47 -12.54
C ALA A 121 -9.42 12.72 -14.01
N GLN A 122 -9.85 13.93 -14.33
CA GLN A 122 -9.75 14.40 -15.66
C GLN A 122 -8.40 15.13 -15.83
N ILE A 123 -7.93 15.22 -17.06
CA ILE A 123 -6.64 15.83 -17.34
C ILE A 123 -6.71 16.88 -18.42
N ILE A 124 -6.12 18.05 -18.15
CA ILE A 124 -5.84 19.02 -19.20
C ILE A 124 -4.36 19.14 -19.41
N PHE A 125 -3.93 18.98 -20.63
CA PHE A 125 -2.53 19.01 -21.01
C PHE A 125 -2.08 20.39 -21.44
N SER A 126 -1.24 21.00 -20.61
CA SER A 126 -0.67 22.29 -20.91
C SER A 126 0.53 22.10 -21.84
N ALA A 127 0.98 23.18 -22.47
CA ALA A 127 2.05 23.12 -23.50
C ALA A 127 3.34 22.49 -22.98
N ALA A 128 3.78 21.42 -23.64
CA ALA A 128 5.01 20.67 -23.25
C ALA A 128 6.19 21.58 -22.97
N GLU A 129 6.40 22.51 -23.87
CA GLU A 129 7.56 23.41 -23.86
C GLU A 129 7.64 24.24 -22.59
N GLY A 130 6.49 24.55 -21.99
CA GLY A 130 6.52 25.40 -20.79
C GLY A 130 6.70 24.60 -19.50
N GLY A 131 6.67 23.29 -19.59
CA GLY A 131 6.82 22.41 -18.43
C GLY A 131 5.93 22.76 -17.25
N SER A 132 6.53 22.67 -16.05
CA SER A 132 5.82 22.83 -14.81
C SER A 132 5.21 24.19 -14.61
N ASN A 133 5.96 25.23 -14.94
N ASN A 133 5.96 25.24 -14.93
CA ASN A 133 5.50 26.59 -14.77
CA ASN A 133 5.50 26.60 -14.76
C ASN A 133 4.25 26.87 -15.59
C ASN A 133 4.25 26.89 -15.60
N THR A 134 4.24 26.39 -16.83
CA THR A 134 3.08 26.59 -17.72
C THR A 134 1.86 25.79 -17.23
N ALA A 135 2.08 24.61 -16.65
CA ALA A 135 0.98 23.89 -16.02
C ALA A 135 0.39 24.64 -14.85
N VAL A 136 1.24 25.23 -14.01
CA VAL A 136 0.76 26.00 -12.89
C VAL A 136 0.00 27.24 -13.37
N ALA A 137 0.57 27.99 -14.32
CA ALA A 137 -0.09 29.20 -14.90
C ALA A 137 -1.46 28.87 -15.53
N THR A 138 -1.49 27.75 -16.24
CA THR A 138 -2.75 27.26 -16.83
C THR A 138 -3.78 26.90 -15.79
N ALA A 139 -3.41 26.09 -14.79
CA ALA A 139 -4.34 25.81 -13.68
C ALA A 139 -4.89 27.08 -13.02
N LYS A 140 -4.02 28.04 -12.78
CA LYS A 140 -4.46 29.35 -12.22
C LYS A 140 -5.50 30.03 -13.11
N GLU A 141 -5.22 30.08 -14.39
CA GLU A 141 -6.08 30.78 -15.33
C GLU A 141 -7.45 30.09 -15.40
N LEU A 142 -7.43 28.74 -15.38
CA LEU A 142 -8.63 27.97 -15.45
C LEU A 142 -9.47 28.18 -14.21
N ALA A 143 -8.83 28.13 -13.04
CA ALA A 143 -9.57 28.36 -11.80
C ALA A 143 -10.21 29.76 -11.80
N ALA A 144 -9.54 30.71 -12.42
CA ALA A 144 -10.03 32.11 -12.38
C ALA A 144 -11.27 32.34 -13.26
N THR A 145 -11.60 31.39 -14.16
CA THR A 145 -12.78 31.52 -15.03
C THR A 145 -14.13 31.37 -14.34
N ASN A 146 -14.15 30.72 -13.17
CA ASN A 146 -15.39 30.14 -12.66
C ASN A 146 -15.32 30.04 -11.14
N PRO A 147 -16.33 30.62 -10.44
CA PRO A 147 -16.34 30.52 -8.98
C PRO A 147 -16.49 29.09 -8.45
N SER A 148 -16.97 28.16 -9.28
CA SER A 148 -17.05 26.74 -8.91
C SER A 148 -15.74 25.94 -9.10
N TRP A 149 -14.72 26.55 -9.72
CA TRP A 149 -13.46 25.89 -10.01
C TRP A 149 -12.40 26.47 -9.06
N VAL A 150 -11.77 25.62 -8.27
CA VAL A 150 -10.87 26.03 -7.19
C VAL A 150 -9.54 25.32 -7.31
N MET A 151 -8.44 26.09 -7.32
CA MET A 151 -7.09 25.53 -7.28
C MET A 151 -6.60 25.52 -5.86
N LEU A 152 -6.13 24.38 -5.39
CA LEU A 152 -5.67 24.28 -4.02
C LEU A 152 -4.21 24.78 -3.84
N TYR A 153 -3.38 24.52 -4.84
CA TYR A 153 -1.97 24.97 -4.91
C TYR A 153 -1.13 24.43 -3.75
N GLN A 154 -0.73 23.17 -3.88
CA GLN A 154 -0.05 22.46 -2.78
C GLN A 154 1.27 23.12 -2.33
N TYR A 155 1.95 23.87 -3.22
CA TYR A 155 3.21 24.53 -2.86
C TYR A 155 3.10 25.75 -1.94
N GLY A 156 1.87 26.29 -1.81
CA GLY A 156 1.58 27.47 -1.00
C GLY A 156 0.47 27.34 0.02
N ASN A 157 -0.23 26.20 0.04
CA ASN A 157 -1.43 26.06 0.85
C ASN A 157 -1.05 25.64 2.27
N PRO A 158 -1.33 26.48 3.26
CA PRO A 158 -0.92 26.09 4.63
C PRO A 158 -1.60 24.82 5.18
N ALA A 159 -2.72 24.38 4.60
CA ALA A 159 -3.28 23.08 5.00
C ALA A 159 -2.39 21.87 4.61
N ASN A 160 -1.52 22.03 3.64
CA ASN A 160 -0.48 21.03 3.38
C ASN A 160 0.44 20.89 4.62
N THR A 161 1.13 21.97 4.98
CA THR A 161 1.90 22.01 6.25
C THR A 161 1.08 21.55 7.47
N ASP A 162 -0.14 22.01 7.58
CA ASP A 162 -0.95 21.73 8.76
C ASP A 162 -1.30 20.25 8.91
N SER A 163 -1.43 19.54 7.78
CA SER A 163 -1.68 18.09 7.85
C SER A 163 -0.55 17.39 8.57
N HIS A 164 0.65 17.90 8.46
CA HIS A 164 1.78 17.29 9.13
C HIS A 164 1.99 17.83 10.55
N TYR A 165 1.68 19.11 10.73
CA TYR A 165 1.70 19.74 12.05
C TYR A 165 0.69 19.05 13.01
N CYS A 166 -0.47 18.65 12.45
CA CYS A 166 -1.60 18.05 13.20
C CYS A 166 -1.66 16.53 13.13
N GLY A 167 -0.88 15.90 12.23
CA GLY A 167 -0.89 14.44 12.04
C GLY A 167 0.46 13.78 12.19
N THR A 168 1.31 13.91 11.18
CA THR A 168 2.61 13.26 11.19
C THR A 168 3.43 13.59 12.46
N GLY A 169 3.52 14.87 12.81
CA GLY A 169 4.30 15.30 13.93
C GLY A 169 3.84 14.72 15.27
N PRO A 170 2.55 14.94 15.60
CA PRO A 170 1.99 14.32 16.82
C PRO A 170 2.11 12.82 16.89
N GLU A 171 1.90 12.12 15.77
CA GLU A 171 2.09 10.69 15.76
C GLU A 171 3.50 10.30 16.09
N LEU A 172 4.47 11.03 15.57
CA LEU A 172 5.84 10.70 15.83
C LEU A 172 6.20 10.95 17.31
N LEU A 173 5.79 12.08 17.84
CA LEU A 173 6.05 12.40 19.26
C LEU A 173 5.43 11.32 20.16
N ALA A 174 4.21 10.88 19.85
CA ALA A 174 3.55 9.81 20.59
C ALA A 174 4.26 8.43 20.55
N ASP A 175 4.71 7.98 19.37
CA ASP A 175 5.40 6.69 19.21
C ASP A 175 6.88 6.73 19.56
N LEU A 176 7.50 7.91 19.41
CA LEU A 176 8.95 8.09 19.59
C LEU A 176 9.20 9.37 20.41
N PRO A 177 8.80 9.33 21.70
CA PRO A 177 9.06 10.50 22.56
C PRO A 177 10.56 10.84 22.65
N GLU A 178 11.40 9.85 22.47
CA GLU A 178 12.84 10.03 22.53
C GLU A 178 13.46 10.54 21.23
N ILE A 179 12.63 10.91 20.26
CA ILE A 179 13.13 11.37 18.97
C ILE A 179 14.20 12.44 19.09
N THR A 180 15.30 12.27 18.37
CA THR A 180 16.32 13.34 18.24
C THR A 180 16.44 13.97 16.82
N HIS A 181 16.01 13.21 15.81
CA HIS A 181 16.10 13.66 14.41
C HIS A 181 14.87 13.22 13.60
N PHE A 182 14.42 14.09 12.70
CA PHE A 182 13.37 13.74 11.73
C PHE A 182 13.93 13.98 10.32
N VAL A 183 13.90 12.96 9.44
CA VAL A 183 14.44 13.04 8.08
C VAL A 183 13.33 12.78 7.06
N ALA A 184 13.18 13.67 6.09
CA ALA A 184 12.18 13.41 5.03
C ALA A 184 12.65 14.11 3.77
N GLY A 185 11.98 13.83 2.66
CA GLY A 185 12.26 14.53 1.42
C GLY A 185 11.79 15.95 1.46
N LEU A 186 12.43 16.80 0.67
CA LEU A 186 12.03 18.19 0.56
C LEU A 186 11.45 18.42 -0.83
N GLY A 187 10.12 18.47 -0.92
CA GLY A 187 9.36 18.63 -2.19
C GLY A 187 8.51 19.90 -2.15
N THR A 188 7.23 19.73 -1.86
CA THR A 188 6.39 20.87 -1.52
C THR A 188 6.89 21.56 -0.23
N THR A 189 7.64 20.81 0.59
CA THR A 189 8.20 21.21 1.90
C THR A 189 7.20 21.04 3.03
N GLY A 190 5.96 20.68 2.70
CA GLY A 190 4.93 20.45 3.70
C GLY A 190 5.37 19.51 4.82
N THR A 191 5.90 18.34 4.45
CA THR A 191 6.29 17.32 5.45
C THR A 191 7.27 17.89 6.46
N LEU A 192 8.36 18.46 5.97
CA LEU A 192 9.41 18.96 6.85
C LEU A 192 8.97 20.23 7.58
N MET A 193 8.24 21.10 6.92
CA MET A 193 7.78 22.34 7.58
C MET A 193 6.76 22.07 8.70
N GLY A 194 5.78 21.23 8.45
CA GLY A 194 4.74 20.98 9.45
C GLY A 194 5.19 20.05 10.56
N THR A 195 5.85 18.94 10.21
CA THR A 195 6.36 18.02 11.19
C THR A 195 7.47 18.69 11.98
N GLY A 196 8.29 19.44 11.27
CA GLY A 196 9.43 20.11 11.88
C GLY A 196 8.98 21.17 12.86
N ARG A 197 8.01 22.01 12.47
CA ARG A 197 7.51 23.05 13.41
C ARG A 197 6.98 22.34 14.65
N PHE A 198 6.15 21.32 14.44
CA PHE A 198 5.56 20.64 15.58
C PHE A 198 6.60 20.09 16.53
N LEU A 199 7.57 19.33 16.00
CA LEU A 199 8.58 18.68 16.83
C LEU A 199 9.47 19.72 17.53
N ARG A 200 9.85 20.77 16.82
CA ARG A 200 10.66 21.86 17.43
C ARG A 200 9.95 22.53 18.63
N GLU A 201 8.62 22.60 18.58
CA GLU A 201 7.83 23.16 19.67
C GLU A 201 7.85 22.25 20.88
N HIS A 202 7.97 20.95 20.69
CA HIS A 202 7.85 20.00 21.78
C HIS A 202 9.12 19.31 22.21
N VAL A 203 10.21 19.38 21.43
CA VAL A 203 11.39 18.55 21.71
C VAL A 203 12.63 19.39 21.64
N ALA A 204 13.29 19.52 22.80
CA ALA A 204 14.46 20.35 22.91
C ALA A 204 15.58 19.76 22.05
N ASN A 205 16.23 20.62 21.29
CA ASN A 205 17.35 20.23 20.47
C ASN A 205 17.03 19.22 19.34
N VAL A 206 15.76 19.09 18.96
CA VAL A 206 15.42 18.17 17.85
C VAL A 206 16.03 18.70 16.54
N LYS A 207 16.56 17.82 15.69
CA LYS A 207 17.18 18.18 14.40
C LYS A 207 16.24 17.76 13.26
N ILE A 208 16.00 18.65 12.31
CA ILE A 208 15.06 18.40 11.18
C ILE A 208 15.93 18.43 9.92
N VAL A 209 15.98 17.30 9.22
CA VAL A 209 16.95 17.07 8.15
C VAL A 209 16.26 16.73 6.83
N ALA A 210 16.60 17.48 5.80
CA ALA A 210 16.04 17.26 4.47
C ALA A 210 16.90 16.36 3.61
N ALA A 211 16.25 15.54 2.79
CA ALA A 211 16.91 14.90 1.66
C ALA A 211 16.36 15.51 0.39
N GLU A 212 17.18 15.61 -0.65
CA GLU A 212 16.73 16.24 -1.89
C GLU A 212 17.62 15.77 -3.04
N PRO A 213 17.16 15.99 -4.30
CA PRO A 213 18.00 15.57 -5.42
C PRO A 213 19.18 16.51 -5.60
N ARG A 214 20.22 16.05 -6.27
CA ARG A 214 21.29 16.96 -6.66
C ARG A 214 20.81 17.93 -7.74
N TYR A 215 21.44 19.07 -7.80
CA TYR A 215 21.17 20.08 -8.79
C TYR A 215 21.40 19.49 -10.16
N GLY A 216 20.45 19.69 -11.05
CA GLY A 216 20.51 19.15 -12.40
C GLY A 216 20.02 17.71 -12.50
N GLU A 217 19.49 17.16 -11.39
CA GLU A 217 19.02 15.76 -11.37
C GLU A 217 17.55 15.52 -11.00
N GLY A 218 16.73 16.59 -10.90
CA GLY A 218 15.32 16.48 -10.49
C GLY A 218 14.51 15.50 -11.35
N VAL A 219 14.86 15.46 -12.64
CA VAL A 219 14.26 14.50 -13.59
C VAL A 219 14.49 13.04 -13.21
N TYR A 220 15.72 12.69 -12.84
CA TYR A 220 16.03 11.32 -12.44
C TYR A 220 15.32 11.03 -11.12
N ALA A 221 15.13 12.09 -10.33
CA ALA A 221 14.43 12.03 -9.04
C ALA A 221 12.90 11.87 -9.14
N LEU A 222 12.36 11.90 -10.35
CA LEU A 222 10.93 11.61 -10.62
C LEU A 222 10.02 12.64 -10.01
N ARG A 223 10.45 13.89 -10.09
CA ARG A 223 9.55 14.97 -9.79
C ARG A 223 9.77 16.08 -10.80
N ASN A 224 8.67 16.76 -11.09
CA ASN A 224 8.63 17.77 -12.12
C ASN A 224 8.50 19.10 -11.40
N MET A 225 9.56 19.50 -10.72
CA MET A 225 9.60 20.83 -10.10
C MET A 225 10.77 21.61 -10.67
N ASP A 226 10.58 22.90 -10.90
CA ASP A 226 11.66 23.69 -11.48
C ASP A 226 12.76 24.06 -10.49
N GLU A 227 13.97 24.16 -11.04
CA GLU A 227 15.24 24.26 -10.34
C GLU A 227 15.31 25.37 -9.28
N GLY A 228 15.06 26.62 -9.66
CA GLY A 228 15.15 27.75 -8.72
C GLY A 228 13.81 28.19 -8.14
N PHE A 229 12.85 27.26 -8.11
CA PHE A 229 11.52 27.53 -7.53
C PHE A 229 11.59 27.23 -6.05
N VAL A 230 11.03 28.14 -5.25
CA VAL A 230 10.96 27.99 -3.80
C VAL A 230 9.48 27.98 -3.40
N PRO A 231 8.98 26.81 -2.97
CA PRO A 231 7.61 26.79 -2.49
C PRO A 231 7.36 27.87 -1.46
N GLU A 232 6.20 28.52 -1.57
CA GLU A 232 5.79 29.51 -0.59
C GLU A 232 5.75 28.95 0.84
N LEU A 233 5.56 27.63 0.97
CA LEU A 233 5.57 27.00 2.28
C LEU A 233 6.91 26.93 2.98
N TYR A 234 7.99 27.09 2.22
CA TYR A 234 9.33 26.81 2.71
C TYR A 234 9.87 27.89 3.66
N ASP A 235 10.39 27.42 4.78
CA ASP A 235 11.08 28.23 5.77
C ASP A 235 12.42 27.56 6.11
N PRO A 236 13.52 28.12 5.61
CA PRO A 236 14.79 27.46 5.83
C PRO A 236 15.20 27.36 7.29
N GLU A 237 14.64 28.22 8.15
CA GLU A 237 15.01 28.16 9.58
C GLU A 237 14.56 26.90 10.31
N ILE A 238 13.58 26.21 9.74
CA ILE A 238 13.12 24.96 10.32
C ILE A 238 14.15 23.85 10.18
N LEU A 239 14.95 23.87 9.13
CA LEU A 239 15.89 22.81 8.88
C LEU A 239 17.23 22.98 9.59
N THR A 240 17.79 21.88 10.08
CA THR A 240 19.18 21.80 10.52
C THR A 240 20.16 21.56 9.40
N ALA A 241 19.79 20.68 8.46
CA ALA A 241 20.71 20.27 7.40
C ALA A 241 19.93 19.83 6.21
N ARG A 242 20.61 19.86 5.05
CA ARG A 242 20.08 19.32 3.80
C ARG A 242 21.10 18.41 3.19
N TYR A 243 20.65 17.24 2.77
CA TYR A 243 21.48 16.29 2.06
C TYR A 243 21.04 16.23 0.62
N SER A 244 21.96 16.61 -0.29
CA SER A 244 21.72 16.45 -1.70
C SER A 244 22.20 15.04 -2.09
N VAL A 245 21.32 14.20 -2.61
CA VAL A 245 21.61 12.79 -2.80
C VAL A 245 21.59 12.44 -4.26
N GLY A 246 22.60 11.71 -4.72
CA GLY A 246 22.67 11.29 -6.13
C GLY A 246 21.79 10.10 -6.43
N ALA A 247 21.48 9.90 -7.70
CA ALA A 247 20.53 8.88 -8.09
C ALA A 247 21.01 7.47 -7.78
N VAL A 248 22.28 7.20 -7.99
CA VAL A 248 22.83 5.87 -7.68
C VAL A 248 22.75 5.60 -6.19
N ASP A 249 23.08 6.57 -5.35
CA ASP A 249 22.99 6.37 -3.91
C ASP A 249 21.52 6.10 -3.48
N ALA A 250 20.59 6.84 -4.05
CA ALA A 250 19.17 6.67 -3.72
C ALA A 250 18.73 5.28 -4.09
N VAL A 251 19.09 4.83 -5.29
CA VAL A 251 18.69 3.49 -5.67
C VAL A 251 19.33 2.40 -4.78
N ARG A 252 20.63 2.52 -4.49
CA ARG A 252 21.28 1.58 -3.57
C ARG A 252 20.62 1.50 -2.22
N ARG A 253 20.29 2.67 -1.66
CA ARG A 253 19.61 2.71 -0.37
C ARG A 253 18.22 2.04 -0.44
N THR A 254 17.46 2.32 -1.51
CA THR A 254 16.16 1.64 -1.72
C THR A 254 16.32 0.09 -1.64
N ARG A 255 17.37 -0.45 -2.27
CA ARG A 255 17.67 -1.89 -2.27
C ARG A 255 18.15 -2.44 -0.94
N GLU A 256 19.01 -1.70 -0.27
CA GLU A 256 19.49 -2.12 1.05
C GLU A 256 18.29 -2.18 2.02
N LEU A 257 17.34 -1.27 1.81
CA LEU A 257 16.17 -1.22 2.69
C LEU A 257 15.32 -2.46 2.48
N VAL A 258 15.09 -2.83 1.23
CA VAL A 258 14.30 -4.04 0.98
C VAL A 258 15.05 -5.29 1.44
N HIS A 259 16.37 -5.35 1.20
CA HIS A 259 17.13 -6.55 1.57
C HIS A 259 17.36 -6.75 3.05
N THR A 260 17.58 -5.68 3.80
CA THR A 260 17.87 -5.83 5.20
C THR A 260 16.66 -5.74 6.05
N GLU A 261 15.63 -4.99 5.62
CA GLU A 261 14.48 -4.77 6.46
C GLU A 261 13.13 -5.20 5.83
N GLY A 262 13.19 -5.68 4.59
CA GLY A 262 11.98 -6.16 3.88
C GLY A 262 11.01 -5.07 3.38
N ILE A 263 11.36 -3.78 3.55
CA ILE A 263 10.47 -2.67 3.21
C ILE A 263 10.65 -2.32 1.73
N PHE A 264 9.57 -2.40 0.93
CA PHE A 264 9.58 -2.14 -0.49
C PHE A 264 9.18 -0.68 -0.69
N ALA A 265 10.18 0.19 -0.72
CA ALA A 265 9.93 1.62 -0.72
C ALA A 265 10.10 2.27 -2.07
N GLY A 266 9.45 3.44 -2.24
CA GLY A 266 9.73 4.26 -3.39
C GLY A 266 11.10 4.92 -3.39
N ILE A 267 11.41 5.55 -4.51
CA ILE A 267 12.73 6.08 -4.73
C ILE A 267 13.12 7.22 -3.80
N SER A 268 12.19 8.10 -3.49
CA SER A 268 12.52 9.20 -2.56
C SER A 268 12.97 8.67 -1.18
N THR A 269 12.42 7.54 -0.78
CA THR A 269 12.80 6.89 0.47
C THR A 269 14.29 6.51 0.47
N GLY A 270 14.81 6.08 -0.68
CA GLY A 270 16.23 5.81 -0.78
C GLY A 270 17.06 7.05 -0.47
N ALA A 271 16.65 8.21 -0.97
CA ALA A 271 17.36 9.43 -0.68
C ALA A 271 17.27 9.81 0.81
N VAL A 272 16.06 9.66 1.34
CA VAL A 272 15.82 9.87 2.76
C VAL A 272 16.73 8.97 3.62
N LEU A 273 16.78 7.68 3.29
CA LEU A 273 17.58 6.76 4.06
C LEU A 273 19.07 7.14 3.94
N HIS A 274 19.50 7.52 2.75
CA HIS A 274 20.88 7.98 2.58
C HIS A 274 21.21 9.14 3.55
N ALA A 275 20.37 10.16 3.57
CA ALA A 275 20.45 11.21 4.56
C ALA A 275 20.44 10.72 6.03
N ALA A 276 19.47 9.91 6.39
CA ALA A 276 19.37 9.37 7.76
C ALA A 276 20.61 8.60 8.17
N LEU A 277 21.17 7.82 7.24
CA LEU A 277 22.40 7.07 7.52
C LEU A 277 23.62 7.99 7.69
N GLY A 278 23.65 9.11 6.95
CA GLY A 278 24.63 10.14 7.20
C GLY A 278 24.51 10.78 8.56
N VAL A 279 23.28 11.11 8.96
CA VAL A 279 23.01 11.70 10.25
C VAL A 279 23.46 10.68 11.30
N GLY A 280 23.07 9.44 11.09
CA GLY A 280 23.43 8.37 12.01
C GLY A 280 24.91 8.17 12.16
N ALA A 281 25.65 8.22 11.06
CA ALA A 281 27.11 8.05 11.10
C ALA A 281 27.76 9.20 11.88
N GLY A 282 27.26 10.42 11.74
CA GLY A 282 27.68 11.57 12.52
C GLY A 282 27.43 11.42 14.03
N ALA A 283 26.23 10.98 14.40
CA ALA A 283 25.96 10.72 15.81
C ALA A 283 26.87 9.61 16.37
N LEU A 284 27.12 8.58 15.58
CA LEU A 284 27.93 7.47 16.02
C LEU A 284 29.37 7.97 16.27
N ALA A 285 29.97 8.62 15.28
CA ALA A 285 31.32 9.20 15.41
C ALA A 285 31.45 10.17 16.61
N ALA A 286 30.39 10.91 16.92
CA ALA A 286 30.38 11.84 18.06
C ALA A 286 29.95 11.19 19.39
N GLY A 287 29.88 9.85 19.42
CA GLY A 287 29.28 9.12 20.56
C GLY A 287 28.05 9.76 21.18
N GLU A 288 27.10 10.19 20.33
CA GLU A 288 25.82 10.73 20.81
C GLU A 288 24.70 9.70 20.58
N ARG A 289 23.73 9.72 21.48
CA ARG A 289 22.55 8.90 21.32
C ARG A 289 21.64 9.54 20.26
N ALA A 290 21.14 8.73 19.34
CA ALA A 290 20.19 9.23 18.34
C ALA A 290 19.06 8.24 18.10
N ASP A 291 17.87 8.81 17.91
CA ASP A 291 16.68 8.10 17.49
C ASP A 291 16.13 8.90 16.31
N ILE A 292 16.38 8.35 15.11
CA ILE A 292 16.18 9.08 13.85
C ILE A 292 14.92 8.55 13.17
N ALA A 293 13.88 9.36 13.14
CA ALA A 293 12.63 8.99 12.43
C ALA A 293 12.79 9.42 10.97
N LEU A 294 12.46 8.53 10.02
CA LEU A 294 12.56 8.85 8.60
C LEU A 294 11.24 8.45 7.87
N VAL A 295 10.89 9.20 6.85
CA VAL A 295 9.61 9.03 6.14
C VAL A 295 9.78 8.06 4.96
N VAL A 296 8.92 7.04 4.90
CA VAL A 296 8.76 6.20 3.70
C VAL A 296 7.52 6.77 3.04
N ALA A 297 7.72 7.67 2.08
CA ALA A 297 6.60 8.47 1.57
C ALA A 297 5.64 7.65 0.74
N ASP A 298 6.18 6.67 0.04
CA ASP A 298 5.37 5.73 -0.73
C ASP A 298 6.12 4.42 -0.94
N ALA A 299 5.42 3.43 -1.46
CA ALA A 299 6.04 2.12 -1.74
C ALA A 299 6.58 2.05 -3.13
N GLY A 300 7.30 0.97 -3.42
CA GLY A 300 7.95 0.79 -4.73
C GLY A 300 7.07 0.57 -5.94
N TRP A 301 5.76 0.29 -5.73
CA TRP A 301 4.89 -0.26 -6.78
C TRP A 301 4.88 0.57 -8.04
N LYS A 302 4.75 1.89 -7.87
CA LYS A 302 4.60 2.73 -9.05
C LYS A 302 5.92 2.97 -9.79
N TYR A 303 7.02 2.50 -9.23
CA TYR A 303 8.34 2.75 -9.78
C TYR A 303 8.91 1.48 -10.43
N LEU A 304 8.12 0.42 -10.51
CA LEU A 304 8.68 -0.85 -11.04
C LEU A 304 9.14 -0.67 -12.46
N SER A 305 8.46 0.19 -13.23
CA SER A 305 8.82 0.35 -14.65
C SER A 305 10.13 1.12 -14.88
N THR A 306 10.66 1.79 -13.86
CA THR A 306 11.94 2.49 -13.94
C THR A 306 13.16 1.56 -14.09
N GLY A 307 13.02 0.32 -13.65
CA GLY A 307 14.09 -0.66 -13.64
C GLY A 307 14.96 -0.55 -12.41
N ALA A 308 14.61 0.34 -11.47
CA ALA A 308 15.38 0.51 -10.24
C ALA A 308 15.35 -0.70 -9.31
N TYR A 309 14.41 -1.62 -9.54
CA TYR A 309 14.21 -2.75 -8.64
C TYR A 309 14.56 -4.09 -9.32
N ALA A 310 15.28 -4.03 -10.44
CA ALA A 310 15.63 -5.25 -11.18
C ALA A 310 16.53 -6.05 -10.29
N GLY A 311 16.47 -7.36 -10.44
CA GLY A 311 17.18 -8.31 -9.60
C GLY A 311 18.64 -7.92 -9.42
N SER A 312 19.31 -7.58 -10.52
CA SER A 312 20.72 -7.17 -10.45
C SER A 312 20.82 -5.69 -10.04
N LEU A 313 21.26 -5.43 -8.81
CA LEU A 313 21.45 -4.05 -8.35
C LEU A 313 22.44 -3.28 -9.26
N ASP A 314 23.48 -3.95 -9.78
CA ASP A 314 24.44 -3.25 -10.66
C ASP A 314 23.78 -2.58 -11.89
N ASP A 315 22.82 -3.26 -12.51
CA ASP A 315 22.03 -2.70 -13.62
C ASP A 315 20.97 -1.74 -13.10
N ALA A 316 20.28 -2.14 -12.05
CA ALA A 316 19.21 -1.32 -11.48
C ALA A 316 19.66 0.09 -10.99
N GLU A 317 20.86 0.19 -10.43
CA GLU A 317 21.27 1.46 -9.80
C GLU A 317 21.49 2.62 -10.78
N THR A 318 21.76 2.32 -12.05
CA THR A 318 21.80 3.34 -13.10
C THR A 318 20.44 3.62 -13.81
N ALA A 319 19.39 2.93 -13.40
CA ALA A 319 18.12 2.95 -14.14
C ALA A 319 17.47 4.34 -14.24
N LEU A 320 17.62 5.16 -13.21
CA LEU A 320 17.09 6.53 -13.28
C LEU A 320 17.96 7.38 -14.24
N ALA B 5 3.76 2.95 21.02
CA ALA B 5 3.07 1.79 20.35
C ALA B 5 3.59 1.60 18.91
N ARG B 6 4.63 0.77 18.77
CA ARG B 6 5.58 0.85 17.62
C ARG B 6 6.15 -0.53 17.42
N TYR B 7 6.93 -0.74 16.37
CA TYR B 7 7.35 -2.07 16.01
C TYR B 7 8.85 -2.10 15.98
N ASP B 8 9.39 -3.32 16.16
CA ASP B 8 10.82 -3.64 16.13
C ASP B 8 11.20 -4.31 14.84
N SER B 9 10.20 -4.63 14.02
CA SER B 9 10.42 -5.41 12.84
C SER B 9 9.22 -5.20 11.92
N LEU B 10 9.44 -5.14 10.63
CA LEU B 10 8.33 -5.12 9.67
C LEU B 10 7.31 -6.28 9.90
N LEU B 11 7.80 -7.43 10.33
CA LEU B 11 6.96 -8.60 10.59
C LEU B 11 5.91 -8.42 11.64
N GLN B 12 6.11 -7.49 12.54
CA GLN B 12 5.09 -7.15 13.52
C GLN B 12 4.06 -6.18 12.98
N ALA B 13 4.37 -5.45 11.90
CA ALA B 13 3.45 -4.50 11.34
C ALA B 13 2.50 -5.16 10.31
N LEU B 14 1.76 -6.13 10.83
CA LEU B 14 1.02 -7.09 10.04
C LEU B 14 -0.30 -7.27 10.73
N GLY B 15 -1.35 -7.42 9.95
CA GLY B 15 -2.70 -7.58 10.51
C GLY B 15 -3.24 -6.30 11.12
N ASN B 16 -4.28 -6.42 11.93
CA ASN B 16 -4.98 -5.28 12.47
C ASN B 16 -5.32 -4.28 11.39
N THR B 17 -5.83 -4.80 10.27
CA THR B 17 -6.13 -4.00 9.12
C THR B 17 -7.47 -3.31 9.28
N PRO B 18 -7.67 -2.19 8.60
CA PRO B 18 -8.89 -1.42 8.72
C PRO B 18 -10.07 -2.14 8.09
N LEU B 19 -11.26 -1.87 8.64
CA LEU B 19 -12.52 -2.27 8.06
C LEU B 19 -13.25 -0.98 7.67
N VAL B 20 -13.53 -0.82 6.39
CA VAL B 20 -14.05 0.41 5.83
C VAL B 20 -15.43 0.23 5.18
N GLY B 21 -16.40 1.05 5.61
CA GLY B 21 -17.73 1.03 5.01
C GLY B 21 -17.75 1.48 3.55
N LEU B 22 -18.51 0.75 2.72
CA LEU B 22 -18.66 1.10 1.31
C LEU B 22 -20.05 1.75 1.21
N GLN B 23 -20.12 3.03 1.55
CA GLN B 23 -21.39 3.75 1.66
C GLN B 23 -22.09 3.91 0.33
N ARG B 24 -21.33 3.98 -0.77
CA ARG B 24 -21.96 4.11 -2.10
C ARG B 24 -22.32 2.79 -2.75
N LEU B 25 -21.45 1.79 -2.64
CA LEU B 25 -21.74 0.49 -3.23
C LEU B 25 -22.67 -0.37 -2.45
N SER B 26 -22.81 -0.11 -1.16
CA SER B 26 -23.72 -0.87 -0.34
C SER B 26 -25.15 -0.79 -0.91
N PRO B 27 -25.85 -1.92 -0.94
CA PRO B 27 -27.24 -1.84 -1.47
C PRO B 27 -28.10 -0.83 -0.72
N ARG B 28 -27.93 -0.70 0.61
CA ARG B 28 -28.66 0.32 1.40
C ARG B 28 -27.90 0.64 2.70
N TRP B 29 -27.15 1.72 2.66
CA TRP B 29 -26.36 2.12 3.81
C TRP B 29 -27.22 2.47 5.04
N ASP B 30 -28.34 3.17 4.80
CA ASP B 30 -29.15 3.74 5.90
C ASP B 30 -30.40 2.91 6.13
N ASP B 31 -30.72 2.65 7.38
CA ASP B 31 -32.00 2.05 7.71
C ASP B 31 -33.04 3.11 7.41
N GLY B 32 -34.21 2.68 6.93
CA GLY B 32 -35.26 3.62 6.59
C GLY B 32 -36.55 2.87 6.33
N ARG B 33 -37.54 3.58 5.79
CA ARG B 33 -38.90 3.05 5.68
C ARG B 33 -38.98 1.94 4.62
N ASP B 34 -38.21 2.07 3.54
CA ASP B 34 -38.04 0.99 2.54
C ASP B 34 -37.49 -0.32 3.15
N GLY B 35 -36.76 -0.22 4.26
CA GLY B 35 -36.28 -1.40 4.98
C GLY B 35 -34.95 -1.18 5.68
N PRO B 36 -34.45 -2.23 6.36
CA PRO B 36 -33.20 -2.12 7.12
C PRO B 36 -31.98 -2.03 6.19
N HIS B 37 -30.88 -1.56 6.74
CA HIS B 37 -29.65 -1.42 5.98
C HIS B 37 -29.10 -2.76 5.49
N VAL B 38 -28.38 -2.71 4.38
CA VAL B 38 -27.67 -3.83 3.76
C VAL B 38 -26.32 -3.18 3.40
N ARG B 39 -25.35 -3.40 4.28
CA ARG B 39 -24.07 -2.69 4.25
C ARG B 39 -22.96 -3.62 3.86
N LEU B 40 -22.01 -3.09 3.10
CA LEU B 40 -20.77 -3.81 2.80
C LEU B 40 -19.63 -3.11 3.49
N TRP B 41 -18.72 -3.94 4.05
CA TRP B 41 -17.59 -3.43 4.81
C TRP B 41 -16.35 -4.13 4.25
N ALA B 42 -15.35 -3.36 3.87
CA ALA B 42 -14.18 -3.91 3.20
C ALA B 42 -13.00 -4.01 4.15
N LYS B 43 -12.46 -5.22 4.27
CA LYS B 43 -11.31 -5.48 5.13
C LYS B 43 -10.02 -5.35 4.29
N LEU B 44 -9.22 -4.34 4.60
CA LEU B 44 -8.13 -3.88 3.72
C LEU B 44 -6.80 -4.63 3.95
N GLU B 45 -6.68 -5.83 3.37
CA GLU B 45 -5.53 -6.72 3.57
C GLU B 45 -4.33 -6.32 2.73
N ASP B 46 -4.51 -5.29 1.90
CA ASP B 46 -3.36 -4.65 1.29
C ASP B 46 -2.49 -3.85 2.30
N ARG B 47 -3.03 -3.53 3.47
CA ARG B 47 -2.28 -2.80 4.53
C ARG B 47 -1.49 -3.83 5.36
N ASN B 48 -0.56 -4.46 4.68
CA ASN B 48 0.27 -5.54 5.20
C ASN B 48 1.66 -5.35 4.56
N PRO B 49 2.69 -5.86 5.21
CA PRO B 49 4.10 -5.72 4.75
C PRO B 49 4.38 -5.81 3.27
N THR B 50 3.87 -6.83 2.57
CA THR B 50 4.10 -6.94 1.12
C THR B 50 2.82 -6.68 0.33
N GLY B 51 1.79 -6.16 1.00
CA GLY B 51 0.60 -5.67 0.33
C GLY B 51 -0.47 -6.75 0.00
N SER B 52 -0.42 -7.89 0.68
CA SER B 52 -1.49 -8.87 0.50
C SER B 52 -1.78 -9.61 1.80
N ILE B 53 -2.95 -10.22 1.80
CA ILE B 53 -3.37 -11.05 2.92
C ILE B 53 -2.39 -12.19 3.21
N LYS B 54 -1.59 -12.61 2.22
CA LYS B 54 -0.72 -13.76 2.40
C LYS B 54 0.34 -13.53 3.42
N ASP B 55 0.59 -12.28 3.82
CA ASP B 55 1.53 -12.06 4.88
C ASP B 55 1.13 -12.81 6.16
N ARG B 56 -0.18 -12.90 6.42
CA ARG B 56 -0.63 -13.55 7.63
C ARG B 56 -0.23 -15.05 7.64
N PRO B 57 -0.65 -15.84 6.64
CA PRO B 57 -0.21 -17.24 6.69
C PRO B 57 1.27 -17.48 6.45
N ALA B 58 1.87 -16.66 5.58
CA ALA B 58 3.27 -16.87 5.28
C ALA B 58 4.16 -16.73 6.52
N VAL B 59 3.93 -15.69 7.29
CA VAL B 59 4.71 -15.44 8.46
C VAL B 59 4.36 -16.51 9.51
N ARG B 60 3.08 -16.80 9.69
CA ARG B 60 2.73 -17.80 10.68
C ARG B 60 3.31 -19.20 10.31
N MET B 61 3.29 -19.56 9.04
CA MET B 61 3.87 -20.83 8.62
C MET B 61 5.35 -20.88 8.89
N ILE B 62 6.06 -19.80 8.56
CA ILE B 62 7.51 -19.82 8.88
C ILE B 62 7.74 -19.93 10.38
N GLU B 63 7.03 -19.13 11.15
CA GLU B 63 7.26 -19.11 12.60
C GLU B 63 6.86 -20.43 13.26
N GLN B 64 5.82 -21.08 12.73
CA GLN B 64 5.43 -22.42 13.19
C GLN B 64 6.52 -23.46 12.83
N ALA B 65 7.09 -23.37 11.63
CA ALA B 65 8.19 -24.26 11.24
C ALA B 65 9.47 -24.03 12.06
N GLU B 66 9.77 -22.77 12.40
CA GLU B 66 10.85 -22.46 13.32
C GLU B 66 10.61 -23.03 14.73
N ALA B 67 9.43 -22.77 15.31
CA ALA B 67 9.09 -23.34 16.62
C ALA B 67 9.16 -24.88 16.63
N ASP B 68 8.81 -25.54 15.53
CA ASP B 68 8.90 -27.00 15.38
C ASP B 68 10.31 -27.52 15.00
N GLY B 69 11.35 -26.70 15.12
CA GLY B 69 12.70 -27.09 14.75
C GLY B 69 12.91 -27.58 13.32
N LEU B 70 12.15 -27.07 12.35
CA LEU B 70 12.32 -27.50 10.95
C LEU B 70 13.24 -26.60 10.13
N LEU B 71 13.56 -25.41 10.64
CA LEU B 71 14.35 -24.44 9.90
C LEU B 71 15.68 -24.05 10.55
N ARG B 72 16.78 -24.16 9.80
CA ARG B 72 18.08 -23.67 10.25
C ARG B 72 18.54 -22.52 9.35
N PRO B 73 19.49 -21.68 9.84
CA PRO B 73 19.93 -20.54 9.05
C PRO B 73 20.54 -20.93 7.71
N GLY B 74 20.23 -20.17 6.68
CA GLY B 74 20.60 -20.57 5.32
C GLY B 74 19.79 -21.72 4.76
N ALA B 75 18.82 -22.27 5.51
CA ALA B 75 17.88 -23.27 4.92
C ALA B 75 17.16 -22.70 3.70
N THR B 76 16.85 -23.59 2.75
CA THR B 76 16.04 -23.31 1.59
C THR B 76 14.58 -23.68 1.86
N ILE B 77 13.70 -22.71 1.62
CA ILE B 77 12.24 -22.89 1.65
C ILE B 77 11.83 -23.02 0.18
N LEU B 78 10.97 -24.00 -0.09
CA LEU B 78 10.46 -24.29 -1.40
C LEU B 78 8.93 -24.20 -1.27
N GLU B 79 8.28 -23.42 -2.14
CA GLU B 79 6.81 -23.25 -2.06
C GLU B 79 6.18 -23.10 -3.44
N PRO B 80 5.14 -23.89 -3.72
CA PRO B 80 4.32 -23.65 -4.90
C PRO B 80 3.34 -22.50 -4.62
N THR B 81 3.25 -21.55 -5.54
CA THR B 81 2.55 -20.27 -5.31
C THR B 81 2.14 -19.67 -6.65
N SER B 82 1.03 -18.95 -6.70
CA SER B 82 0.80 -18.10 -7.87
C SER B 82 1.28 -16.67 -7.71
N GLY B 83 1.95 -16.38 -6.61
CA GLY B 83 2.62 -15.11 -6.43
C GLY B 83 2.60 -14.45 -5.08
N ASN B 84 1.41 -14.21 -4.51
CA ASN B 84 1.30 -13.46 -3.26
C ASN B 84 2.00 -14.20 -2.11
N THR B 85 1.79 -15.51 -1.97
CA THR B 85 2.45 -16.22 -0.90
C THR B 85 3.97 -16.20 -1.08
N GLY B 86 4.42 -16.36 -2.33
CA GLY B 86 5.86 -16.31 -2.63
C GLY B 86 6.46 -14.98 -2.21
N ILE B 87 5.77 -13.87 -2.51
CA ILE B 87 6.28 -12.55 -2.16
C ILE B 87 6.41 -12.33 -0.65
N SER B 88 5.38 -12.79 0.08
CA SER B 88 5.30 -12.74 1.52
C SER B 88 6.42 -13.59 2.13
N LEU B 89 6.60 -14.79 1.59
CA LEU B 89 7.65 -15.67 2.07
C LEU B 89 9.04 -15.09 1.71
N ALA B 90 9.15 -14.46 0.55
CA ALA B 90 10.44 -13.86 0.16
C ALA B 90 10.87 -12.76 1.10
N MET B 91 9.94 -11.89 1.49
CA MET B 91 10.17 -10.84 2.49
C MET B 91 10.59 -11.45 3.82
N ALA B 92 9.81 -12.41 4.32
CA ALA B 92 10.13 -13.04 5.63
C ALA B 92 11.45 -13.79 5.60
N ALA B 93 11.69 -14.50 4.51
CA ALA B 93 12.97 -15.18 4.28
C ALA B 93 14.19 -14.25 4.35
N ARG B 94 14.11 -13.07 3.73
CA ARG B 94 15.20 -12.06 3.79
C ARG B 94 15.48 -11.66 5.21
N LEU B 95 14.42 -11.46 5.99
CA LEU B 95 14.55 -11.00 7.36
C LEU B 95 15.13 -12.08 8.24
N LYS B 96 14.74 -13.33 7.98
CA LYS B 96 15.08 -14.42 8.89
C LYS B 96 16.27 -15.26 8.45
N GLY B 97 16.82 -15.01 7.27
CA GLY B 97 18.05 -15.68 6.85
C GLY B 97 17.86 -16.97 6.05
N TYR B 98 16.74 -17.10 5.37
CA TYR B 98 16.51 -18.25 4.52
C TYR B 98 16.54 -17.91 3.05
N ARG B 99 16.75 -18.94 2.25
CA ARG B 99 16.67 -18.86 0.81
C ARG B 99 15.26 -19.31 0.42
N LEU B 100 14.68 -18.73 -0.64
CA LEU B 100 13.36 -19.13 -1.11
C LEU B 100 13.41 -19.50 -2.57
N ILE B 101 12.80 -20.64 -2.89
CA ILE B 101 12.54 -21.07 -4.24
C ILE B 101 11.02 -21.23 -4.42
N CYS B 102 10.43 -20.49 -5.35
CA CYS B 102 8.99 -20.55 -5.65
C CYS B 102 8.80 -21.38 -6.89
N VAL B 103 7.78 -22.24 -6.91
CA VAL B 103 7.37 -22.90 -8.14
C VAL B 103 6.06 -22.24 -8.56
N MET B 104 6.06 -21.63 -9.74
CA MET B 104 4.93 -20.85 -10.22
C MET B 104 4.54 -21.19 -11.63
N PRO B 105 3.24 -21.10 -11.95
CA PRO B 105 2.88 -21.21 -13.36
C PRO B 105 3.52 -20.13 -14.22
N GLU B 106 3.85 -20.47 -15.46
CA GLU B 106 4.57 -19.55 -16.34
C GLU B 106 3.76 -18.32 -16.78
N ASN B 107 2.44 -18.39 -16.64
CA ASN B 107 1.54 -17.32 -17.03
C ASN B 107 1.09 -16.44 -15.83
N THR B 108 2.03 -16.03 -15.00
CA THR B 108 1.73 -15.12 -13.90
C THR B 108 2.22 -13.76 -14.31
N SER B 109 1.63 -12.74 -13.72
CA SER B 109 1.85 -11.36 -14.16
C SER B 109 3.32 -10.97 -14.04
N VAL B 110 3.75 -10.00 -14.84
CA VAL B 110 5.12 -9.49 -14.77
C VAL B 110 5.45 -8.85 -13.42
N GLU B 111 4.46 -8.23 -12.79
CA GLU B 111 4.68 -7.57 -11.52
C GLU B 111 5.07 -8.57 -10.44
N ARG B 112 4.41 -9.72 -10.44
CA ARG B 112 4.71 -10.77 -9.45
C ARG B 112 6.15 -11.25 -9.61
N ARG B 113 6.55 -11.49 -10.87
CA ARG B 113 7.95 -11.84 -11.14
C ARG B 113 8.93 -10.79 -10.67
N GLN B 114 8.61 -9.53 -10.93
CA GLN B 114 9.47 -8.47 -10.50
C GLN B 114 9.66 -8.39 -9.01
N LEU B 115 8.58 -8.48 -8.26
CA LEU B 115 8.68 -8.41 -6.81
C LEU B 115 9.50 -9.55 -6.22
N LEU B 116 9.25 -10.75 -6.72
CA LEU B 116 9.97 -11.92 -6.28
C LEU B 116 11.46 -11.78 -6.55
N GLU B 117 11.80 -11.35 -7.75
CA GLU B 117 13.20 -11.11 -8.10
C GLU B 117 13.85 -10.07 -7.22
N LEU B 118 13.14 -8.98 -6.93
CA LEU B 118 13.66 -7.95 -6.03
C LEU B 118 14.01 -8.45 -4.64
N TYR B 119 13.12 -9.25 -4.05
CA TYR B 119 13.39 -9.86 -2.76
C TYR B 119 14.44 -10.98 -2.75
N GLY B 120 14.83 -11.45 -3.93
CA GLY B 120 15.91 -12.41 -4.07
C GLY B 120 15.40 -13.83 -4.10
N ALA B 121 14.11 -14.02 -4.33
CA ALA B 121 13.57 -15.36 -4.50
C ALA B 121 13.97 -15.91 -5.87
N GLN B 122 14.18 -17.21 -5.93
CA GLN B 122 14.38 -17.90 -7.16
C GLN B 122 13.06 -18.46 -7.64
N ILE B 123 12.88 -18.50 -8.95
CA ILE B 123 11.62 -18.96 -9.50
C ILE B 123 11.78 -20.14 -10.47
N ILE B 124 10.99 -21.17 -10.23
CA ILE B 124 10.82 -22.25 -11.18
C ILE B 124 9.43 -22.06 -11.87
N PHE B 125 9.43 -22.01 -13.19
CA PHE B 125 8.19 -21.78 -13.95
C PHE B 125 7.66 -23.11 -14.50
N SER B 126 6.58 -23.63 -13.91
CA SER B 126 5.94 -24.87 -14.39
C SER B 126 4.88 -24.53 -15.48
N ALA B 127 4.48 -25.54 -16.25
CA ALA B 127 3.60 -25.34 -17.42
C ALA B 127 2.27 -24.64 -17.10
N ALA B 128 1.93 -23.62 -17.87
CA ALA B 128 0.68 -22.87 -17.67
C ALA B 128 -0.55 -23.79 -17.68
N GLU B 129 -0.55 -24.75 -18.61
CA GLU B 129 -1.70 -25.66 -18.79
C GLU B 129 -1.96 -26.50 -17.54
N GLY B 130 -0.91 -26.81 -16.78
CA GLY B 130 -1.05 -27.55 -15.53
C GLY B 130 -1.46 -26.74 -14.30
N GLY B 131 -1.38 -25.41 -14.37
CA GLY B 131 -1.83 -24.52 -13.29
C GLY B 131 -1.16 -24.81 -11.95
N SER B 132 -1.93 -24.61 -10.88
CA SER B 132 -1.46 -24.85 -9.52
C SER B 132 -1.30 -26.35 -9.25
N ASN B 133 -2.06 -27.19 -9.95
CA ASN B 133 -1.84 -28.63 -9.86
C ASN B 133 -0.38 -29.05 -10.18
N THR B 134 0.10 -28.64 -11.36
CA THR B 134 1.47 -28.96 -11.81
C THR B 134 2.51 -28.28 -10.92
N ALA B 135 2.28 -27.02 -10.54
CA ALA B 135 3.21 -26.34 -9.60
C ALA B 135 3.38 -27.14 -8.33
N VAL B 136 2.28 -27.66 -7.78
CA VAL B 136 2.32 -28.39 -6.53
C VAL B 136 3.03 -29.73 -6.72
N ALA B 137 2.73 -30.41 -7.82
CA ALA B 137 3.34 -31.70 -8.11
C ALA B 137 4.86 -31.56 -8.28
N THR B 138 5.25 -30.50 -8.96
CA THR B 138 6.66 -30.19 -9.18
C THR B 138 7.39 -29.90 -7.86
N ALA B 139 6.78 -29.10 -6.98
CA ALA B 139 7.37 -28.79 -5.68
C ALA B 139 7.50 -30.06 -4.83
N LYS B 140 6.45 -30.88 -4.83
CA LYS B 140 6.49 -32.15 -4.10
C LYS B 140 7.66 -33.01 -4.52
N GLU B 141 7.87 -33.18 -5.81
CA GLU B 141 9.01 -33.97 -6.33
C GLU B 141 10.34 -33.36 -5.88
N LEU B 142 10.51 -32.06 -6.11
CA LEU B 142 11.75 -31.40 -5.67
C LEU B 142 12.02 -31.56 -4.18
N ALA B 143 10.96 -31.50 -3.37
CA ALA B 143 11.07 -31.64 -1.94
C ALA B 143 11.45 -33.06 -1.56
N ALA B 144 10.94 -34.04 -2.28
CA ALA B 144 11.30 -35.44 -2.03
C ALA B 144 12.80 -35.65 -2.37
N THR B 145 13.24 -35.04 -3.46
CA THR B 145 14.63 -35.11 -3.89
C THR B 145 15.59 -34.39 -2.93
N ASN B 146 15.12 -33.33 -2.28
CA ASN B 146 15.93 -32.50 -1.42
C ASN B 146 15.40 -32.42 -0.01
N PRO B 147 15.70 -33.45 0.83
CA PRO B 147 15.05 -33.51 2.13
C PRO B 147 15.38 -32.36 3.07
N SER B 148 16.50 -31.67 2.85
CA SER B 148 16.83 -30.53 3.68
C SER B 148 16.01 -29.27 3.30
N TRP B 149 15.40 -29.27 2.13
CA TRP B 149 14.57 -28.11 1.71
C TRP B 149 13.26 -28.21 2.51
N VAL B 150 12.69 -27.07 2.86
CA VAL B 150 11.45 -27.07 3.70
C VAL B 150 10.28 -26.56 2.85
N MET B 151 9.34 -27.46 2.50
CA MET B 151 8.12 -27.04 1.79
C MET B 151 7.02 -26.80 2.84
N LEU B 152 6.68 -25.55 3.06
CA LEU B 152 5.66 -25.20 4.04
C LEU B 152 4.31 -25.73 3.66
N TYR B 153 3.99 -25.66 2.37
CA TYR B 153 2.83 -26.22 1.74
C TYR B 153 1.54 -25.52 2.21
N GLN B 154 1.32 -24.33 1.66
CA GLN B 154 0.19 -23.51 2.06
C GLN B 154 -1.17 -24.20 1.88
N TYR B 155 -1.26 -25.13 0.95
CA TYR B 155 -2.49 -25.83 0.66
C TYR B 155 -2.93 -26.86 1.71
N GLY B 156 -2.05 -27.20 2.65
CA GLY B 156 -2.34 -28.19 3.69
C GLY B 156 -1.80 -27.83 5.06
N ASN B 157 -1.11 -26.71 5.20
CA ASN B 157 -0.48 -26.39 6.46
C ASN B 157 -1.47 -25.65 7.39
N PRO B 158 -1.79 -26.22 8.57
CA PRO B 158 -2.81 -25.59 9.39
C PRO B 158 -2.43 -24.24 9.94
N ALA B 159 -1.14 -23.86 9.90
CA ALA B 159 -0.75 -22.50 10.34
C ALA B 159 -1.36 -21.44 9.40
N ASN B 160 -1.68 -21.83 8.17
CA ASN B 160 -2.41 -20.97 7.20
C ASN B 160 -3.79 -20.65 7.80
N THR B 161 -4.59 -21.70 8.00
CA THR B 161 -5.92 -21.54 8.60
C THR B 161 -5.80 -20.84 9.91
N ASP B 162 -4.83 -21.27 10.76
CA ASP B 162 -4.66 -20.61 12.08
C ASP B 162 -4.46 -19.11 12.06
N SER B 163 -3.74 -18.60 11.06
CA SER B 163 -3.49 -17.17 10.96
C SER B 163 -4.79 -16.35 10.85
N HIS B 164 -5.83 -16.95 10.24
CA HIS B 164 -7.14 -16.35 10.11
C HIS B 164 -8.02 -16.58 11.31
N TYR B 165 -7.93 -17.78 11.88
CA TYR B 165 -8.65 -18.14 13.10
C TYR B 165 -8.22 -17.27 14.28
N CYS B 166 -6.92 -16.87 14.30
CA CYS B 166 -6.32 -16.09 15.42
C CYS B 166 -6.17 -14.59 15.13
N GLY B 167 -6.33 -14.21 13.85
CA GLY B 167 -6.14 -12.82 13.43
C GLY B 167 -7.31 -12.22 12.72
N THR B 168 -7.53 -12.66 11.48
CA THR B 168 -8.56 -12.09 10.61
C THR B 168 -9.94 -12.15 11.32
N GLY B 169 -10.29 -13.30 11.84
CA GLY B 169 -11.59 -13.44 12.47
C GLY B 169 -11.81 -12.61 13.72
N PRO B 170 -10.91 -12.74 14.70
CA PRO B 170 -11.02 -11.90 15.89
C PRO B 170 -11.09 -10.42 15.56
N GLU B 171 -10.28 -9.94 14.61
CA GLU B 171 -10.31 -8.54 14.24
C GLU B 171 -11.64 -8.14 13.65
N LEU B 172 -12.16 -8.98 12.76
CA LEU B 172 -13.44 -8.71 12.15
C LEU B 172 -14.58 -8.65 13.15
N LEU B 173 -14.60 -9.61 14.04
CA LEU B 173 -15.64 -9.65 15.05
C LEU B 173 -15.60 -8.42 15.99
N ALA B 174 -14.41 -7.92 16.28
CA ALA B 174 -14.25 -6.74 17.16
C ALA B 174 -14.74 -5.49 16.42
N ASP B 175 -14.43 -5.42 15.14
CA ASP B 175 -14.86 -4.25 14.37
C ASP B 175 -16.33 -4.32 13.93
N LEU B 176 -16.88 -5.52 13.77
CA LEU B 176 -18.22 -5.71 13.19
C LEU B 176 -18.96 -6.80 13.94
N PRO B 177 -19.29 -6.53 15.22
CA PRO B 177 -19.99 -7.52 16.00
C PRO B 177 -21.36 -7.91 15.44
N GLU B 178 -21.98 -6.99 14.70
CA GLU B 178 -23.26 -7.22 14.04
C GLU B 178 -23.14 -7.98 12.71
N ILE B 179 -21.95 -8.49 12.39
CA ILE B 179 -21.70 -9.16 11.13
C ILE B 179 -22.75 -10.24 10.86
N THR B 180 -23.27 -10.27 9.64
CA THR B 180 -24.16 -11.36 9.18
C THR B 180 -23.57 -12.27 8.14
N HIS B 181 -22.58 -11.77 7.38
CA HIS B 181 -22.00 -12.50 6.26
C HIS B 181 -20.50 -12.14 6.16
N PHE B 182 -19.70 -13.11 5.78
CA PHE B 182 -18.27 -12.91 5.48
C PHE B 182 -18.05 -13.49 4.08
N VAL B 183 -17.44 -12.70 3.19
CA VAL B 183 -17.22 -13.14 1.82
C VAL B 183 -15.76 -12.98 1.49
N ALA B 184 -15.18 -13.99 0.91
CA ALA B 184 -13.77 -13.97 0.54
C ALA B 184 -13.48 -14.95 -0.58
N GLY B 185 -12.31 -14.81 -1.19
CA GLY B 185 -11.89 -15.73 -2.23
C GLY B 185 -11.56 -17.10 -1.64
N LEU B 186 -11.64 -18.13 -2.49
CA LEU B 186 -11.40 -19.49 -2.06
C LEU B 186 -10.24 -20.01 -2.90
N GLY B 187 -9.03 -19.98 -2.32
CA GLY B 187 -7.81 -20.36 -3.01
C GLY B 187 -7.16 -21.53 -2.27
N THR B 188 -6.24 -21.23 -1.38
CA THR B 188 -5.76 -22.24 -0.42
C THR B 188 -6.90 -22.72 0.52
N THR B 189 -7.92 -21.87 0.66
CA THR B 189 -9.08 -21.96 1.56
C THR B 189 -8.81 -21.54 2.98
N GLY B 190 -7.55 -21.19 3.27
CA GLY B 190 -7.20 -20.67 4.59
C GLY B 190 -8.10 -19.56 5.10
N THR B 191 -8.35 -18.53 4.27
CA THR B 191 -9.07 -17.36 4.78
C THR B 191 -10.46 -17.80 5.24
N LEU B 192 -11.17 -18.54 4.37
CA LEU B 192 -12.55 -18.93 4.67
C LEU B 192 -12.62 -19.98 5.78
N MET B 193 -11.69 -20.93 5.77
CA MET B 193 -11.71 -22.00 6.77
C MET B 193 -11.41 -21.41 8.16
N GLY B 194 -10.38 -20.59 8.26
CA GLY B 194 -10.01 -20.04 9.55
C GLY B 194 -10.95 -18.97 10.04
N THR B 195 -11.21 -17.96 9.20
CA THR B 195 -12.13 -16.93 9.56
C THR B 195 -13.54 -17.47 9.77
N GLY B 196 -13.96 -18.36 8.88
CA GLY B 196 -15.31 -18.92 8.93
C GLY B 196 -15.56 -19.81 10.13
N ARG B 197 -14.58 -20.64 10.50
CA ARG B 197 -14.72 -21.41 11.75
C ARG B 197 -14.83 -20.47 12.95
N PHE B 198 -13.95 -19.46 13.01
CA PHE B 198 -14.01 -18.48 14.10
C PHE B 198 -15.38 -17.82 14.17
N LEU B 199 -15.87 -17.30 13.04
CA LEU B 199 -17.15 -16.61 13.05
C LEU B 199 -18.31 -17.51 13.45
N ARG B 200 -18.28 -18.73 12.97
CA ARG B 200 -19.35 -19.65 13.26
C ARG B 200 -19.42 -20.02 14.73
N GLU B 201 -18.29 -20.07 15.40
CA GLU B 201 -18.26 -20.30 16.86
C GLU B 201 -18.90 -19.17 17.60
N HIS B 202 -18.79 -17.94 17.06
CA HIS B 202 -19.12 -16.73 17.79
C HIS B 202 -20.45 -16.08 17.43
N VAL B 203 -20.98 -16.39 16.24
CA VAL B 203 -22.10 -15.64 15.69
C VAL B 203 -23.16 -16.60 15.16
N ALA B 204 -24.30 -16.61 15.83
CA ALA B 204 -25.41 -17.46 15.41
C ALA B 204 -25.86 -17.05 14.01
N ASN B 205 -25.96 -18.03 13.16
CA ASN B 205 -26.56 -17.86 11.84
C ASN B 205 -25.69 -17.05 10.88
N VAL B 206 -24.40 -16.92 11.19
CA VAL B 206 -23.52 -16.21 10.28
C VAL B 206 -23.37 -17.01 8.98
N LYS B 207 -23.30 -16.33 7.85
CA LYS B 207 -23.08 -16.99 6.58
C LYS B 207 -21.65 -16.78 6.07
N ILE B 208 -21.06 -17.83 5.54
CA ILE B 208 -19.66 -17.81 5.07
C ILE B 208 -19.68 -18.12 3.58
N VAL B 209 -19.30 -17.13 2.75
CA VAL B 209 -19.55 -17.18 1.33
C VAL B 209 -18.25 -17.10 0.56
N ALA B 210 -18.01 -18.07 -0.33
CA ALA B 210 -16.85 -18.13 -1.17
C ALA B 210 -17.08 -17.52 -2.52
N ALA B 211 -16.07 -16.83 -3.02
CA ALA B 211 -16.01 -16.49 -4.44
C ALA B 211 -14.82 -17.22 -5.02
N GLU B 212 -14.94 -17.69 -6.26
CA GLU B 212 -13.83 -18.37 -6.90
C GLU B 212 -13.88 -18.16 -8.40
N PRO B 213 -12.77 -18.43 -9.11
CA PRO B 213 -12.74 -18.30 -10.57
C PRO B 213 -13.66 -19.30 -11.30
N PHE B 229 -7.12 -29.97 -7.94
CA PHE B 229 -7.07 -30.72 -6.68
C PHE B 229 -7.78 -29.93 -5.58
N VAL B 230 -8.08 -30.59 -4.49
CA VAL B 230 -8.80 -29.95 -3.40
C VAL B 230 -7.81 -29.76 -2.27
N PRO B 231 -7.58 -28.50 -1.84
CA PRO B 231 -6.62 -28.32 -0.74
C PRO B 231 -7.00 -29.13 0.49
N GLU B 232 -6.00 -29.67 1.17
CA GLU B 232 -6.20 -30.45 2.40
C GLU B 232 -6.80 -29.62 3.53
N LEU B 233 -6.61 -28.29 3.47
CA LEU B 233 -7.26 -27.40 4.41
C LEU B 233 -8.78 -27.29 4.30
N TYR B 234 -9.35 -27.67 3.16
CA TYR B 234 -10.71 -27.37 2.85
C TYR B 234 -11.67 -28.29 3.60
N ASP B 235 -12.66 -27.67 4.23
CA ASP B 235 -13.79 -28.38 4.84
C ASP B 235 -15.07 -27.75 4.26
N PRO B 236 -15.76 -28.43 3.31
CA PRO B 236 -16.95 -27.83 2.68
C PRO B 236 -18.09 -27.47 3.65
N GLU B 237 -18.16 -28.15 4.80
CA GLU B 237 -19.13 -27.80 5.88
C GLU B 237 -19.05 -26.36 6.45
N ILE B 238 -17.93 -25.69 6.28
CA ILE B 238 -17.77 -24.33 6.81
C ILE B 238 -18.47 -23.31 5.96
N LEU B 239 -18.51 -23.56 4.65
CA LEU B 239 -19.16 -22.65 3.73
C LEU B 239 -20.70 -22.76 3.71
N THR B 240 -21.37 -21.63 3.64
CA THR B 240 -22.82 -21.63 3.45
C THR B 240 -23.14 -21.50 1.95
N ALA B 241 -22.25 -20.87 1.15
CA ALA B 241 -22.47 -20.69 -0.28
C ALA B 241 -21.10 -20.55 -0.98
N ARG B 242 -21.08 -20.88 -2.27
CA ARG B 242 -19.87 -20.81 -3.07
C ARG B 242 -20.24 -20.39 -4.47
N TYR B 243 -19.67 -19.27 -4.92
CA TYR B 243 -19.98 -18.66 -6.21
C TYR B 243 -18.77 -18.59 -7.11
N SER B 244 -18.96 -19.02 -8.37
CA SER B 244 -17.91 -18.87 -9.36
C SER B 244 -18.18 -17.62 -10.15
N VAL B 245 -17.14 -16.82 -10.35
CA VAL B 245 -17.27 -15.50 -10.94
C VAL B 245 -16.41 -15.48 -12.20
N GLY B 246 -17.00 -15.00 -13.31
CA GLY B 246 -16.29 -14.81 -14.55
C GLY B 246 -15.35 -13.63 -14.49
N ALA B 247 -14.33 -13.68 -15.34
CA ALA B 247 -13.32 -12.64 -15.44
C ALA B 247 -13.91 -11.26 -15.76
N VAL B 248 -14.89 -11.19 -16.67
CA VAL B 248 -15.53 -9.90 -16.98
C VAL B 248 -16.23 -9.28 -15.77
N ASP B 249 -16.99 -10.09 -15.02
CA ASP B 249 -17.63 -9.58 -13.82
C ASP B 249 -16.63 -9.14 -12.72
N ALA B 250 -15.55 -9.90 -12.57
CA ALA B 250 -14.51 -9.57 -11.57
C ALA B 250 -13.87 -8.23 -11.93
N VAL B 251 -13.56 -8.04 -13.20
CA VAL B 251 -12.96 -6.78 -13.68
C VAL B 251 -13.89 -5.59 -13.52
N ARG B 252 -15.15 -5.78 -13.92
CA ARG B 252 -16.15 -4.77 -13.77
C ARG B 252 -16.24 -4.32 -12.34
N ARG B 253 -16.30 -5.27 -11.43
CA ARG B 253 -16.44 -4.94 -10.01
C ARG B 253 -15.19 -4.25 -9.42
N THR B 254 -14.02 -4.68 -9.88
CA THR B 254 -12.75 -4.10 -9.44
C THR B 254 -12.72 -2.64 -9.83
N ARG B 255 -13.13 -2.36 -11.06
CA ARG B 255 -13.15 -0.98 -11.55
C ARG B 255 -14.13 -0.14 -10.82
N GLU B 256 -15.29 -0.72 -10.54
CA GLU B 256 -16.32 -0.05 -9.80
C GLU B 256 -15.83 0.34 -8.41
N LEU B 257 -15.10 -0.57 -7.76
CA LEU B 257 -14.61 -0.30 -6.42
C LEU B 257 -13.66 0.93 -6.39
N VAL B 258 -12.75 1.04 -7.34
CA VAL B 258 -11.83 2.20 -7.33
C VAL B 258 -12.57 3.46 -7.81
N HIS B 259 -13.42 3.31 -8.83
CA HIS B 259 -14.18 4.50 -9.33
C HIS B 259 -15.12 5.09 -8.27
N THR B 260 -15.81 4.23 -7.52
CA THR B 260 -16.86 4.66 -6.62
C THR B 260 -16.45 4.82 -5.19
N GLU B 261 -15.57 3.93 -4.70
CA GLU B 261 -15.15 3.95 -3.31
C GLU B 261 -13.66 4.35 -3.07
N GLY B 262 -12.92 4.58 -4.12
CA GLY B 262 -11.55 5.04 -4.00
C GLY B 262 -10.58 3.96 -3.52
N ILE B 263 -11.02 2.70 -3.53
CA ILE B 263 -10.19 1.54 -3.08
C ILE B 263 -9.62 0.87 -4.33
N PHE B 264 -8.28 0.97 -4.51
CA PHE B 264 -7.60 0.38 -5.68
C PHE B 264 -7.19 -1.05 -5.34
N ALA B 265 -8.05 -1.99 -5.69
CA ALA B 265 -7.94 -3.38 -5.28
C ALA B 265 -7.51 -4.25 -6.44
N GLY B 266 -7.00 -5.43 -6.09
CA GLY B 266 -6.70 -6.46 -7.09
C GLY B 266 -7.97 -7.13 -7.62
N ILE B 267 -7.79 -8.00 -8.60
CA ILE B 267 -8.94 -8.54 -9.35
C ILE B 267 -9.73 -9.54 -8.55
N SER B 268 -9.09 -10.24 -7.60
CA SER B 268 -9.86 -11.18 -6.79
C SER B 268 -10.87 -10.44 -5.92
N THR B 269 -10.54 -9.22 -5.54
CA THR B 269 -11.49 -8.38 -4.81
C THR B 269 -12.76 -8.07 -5.63
N GLY B 270 -12.62 -7.87 -6.94
CA GLY B 270 -13.80 -7.73 -7.76
C GLY B 270 -14.68 -8.96 -7.77
N ALA B 271 -14.05 -10.12 -7.83
CA ALA B 271 -14.80 -11.40 -7.71
C ALA B 271 -15.51 -11.47 -6.40
N VAL B 272 -14.79 -11.14 -5.32
CA VAL B 272 -15.40 -11.09 -4.02
C VAL B 272 -16.57 -10.11 -3.95
N LEU B 273 -16.37 -8.92 -4.49
CA LEU B 273 -17.40 -7.89 -4.49
C LEU B 273 -18.62 -8.32 -5.27
N HIS B 274 -18.40 -8.98 -6.40
CA HIS B 274 -19.53 -9.57 -7.18
C HIS B 274 -20.38 -10.47 -6.34
N ALA B 275 -19.73 -11.42 -5.64
CA ALA B 275 -20.41 -12.31 -4.73
C ALA B 275 -21.14 -11.54 -3.58
N ALA B 276 -20.48 -10.57 -2.97
CA ALA B 276 -21.03 -9.82 -1.85
C ALA B 276 -22.23 -8.99 -2.34
N LEU B 277 -22.16 -8.46 -3.55
CA LEU B 277 -23.29 -7.71 -4.09
C LEU B 277 -24.50 -8.62 -4.41
N GLY B 278 -24.24 -9.85 -4.85
CA GLY B 278 -25.27 -10.89 -5.00
C GLY B 278 -25.94 -11.26 -3.69
N VAL B 279 -25.15 -11.46 -2.65
CA VAL B 279 -25.67 -11.66 -1.29
C VAL B 279 -26.45 -10.46 -0.77
N GLY B 280 -25.91 -9.25 -0.96
CA GLY B 280 -26.57 -8.03 -0.54
C GLY B 280 -27.91 -7.82 -1.27
N ALA B 281 -27.96 -8.13 -2.56
CA ALA B 281 -29.21 -7.99 -3.32
C ALA B 281 -30.27 -8.93 -2.75
N GLY B 282 -29.87 -10.16 -2.43
CA GLY B 282 -30.72 -11.16 -1.73
C GLY B 282 -31.25 -10.67 -0.39
N ALA B 283 -30.40 -10.05 0.42
CA ALA B 283 -30.84 -9.48 1.68
C ALA B 283 -31.82 -8.33 1.43
N LEU B 284 -31.51 -7.48 0.47
CA LEU B 284 -32.34 -6.34 0.13
C LEU B 284 -33.76 -6.80 -0.24
N ALA B 285 -33.83 -7.77 -1.15
CA ALA B 285 -35.12 -8.34 -1.61
C ALA B 285 -35.91 -8.96 -0.47
N ALA B 286 -35.24 -9.56 0.50
CA ALA B 286 -35.93 -10.21 1.61
C ALA B 286 -36.21 -9.24 2.76
N GLY B 287 -35.88 -7.96 2.61
CA GLY B 287 -36.01 -6.97 3.69
C GLY B 287 -35.30 -7.39 4.96
N GLU B 288 -34.17 -8.08 4.82
CA GLU B 288 -33.34 -8.48 5.97
C GLU B 288 -32.22 -7.46 6.22
N ARG B 289 -31.84 -7.26 7.48
CA ARG B 289 -30.67 -6.45 7.77
C ARG B 289 -29.45 -7.30 7.44
N ALA B 290 -28.44 -6.70 6.81
CA ALA B 290 -27.20 -7.37 6.53
C ALA B 290 -26.00 -6.45 6.74
N ASP B 291 -24.96 -7.04 7.28
CA ASP B 291 -23.67 -6.39 7.46
C ASP B 291 -22.64 -7.36 6.98
N ILE B 292 -22.22 -7.14 5.75
CA ILE B 292 -21.46 -8.09 4.96
C ILE B 292 -19.99 -7.63 4.92
N ALA B 293 -19.08 -8.42 5.52
CA ALA B 293 -17.65 -8.12 5.44
C ALA B 293 -17.07 -8.86 4.27
N LEU B 294 -16.23 -8.20 3.49
CA LEU B 294 -15.60 -8.77 2.35
C LEU B 294 -14.10 -8.44 2.37
N VAL B 295 -13.30 -9.39 1.92
CA VAL B 295 -11.86 -9.25 1.88
C VAL B 295 -11.37 -8.57 0.62
N VAL B 296 -10.56 -7.55 0.84
CA VAL B 296 -9.74 -6.94 -0.19
C VAL B 296 -8.32 -7.54 -0.02
N ALA B 297 -8.03 -8.58 -0.82
CA ALA B 297 -6.84 -9.44 -0.52
C ALA B 297 -5.53 -8.76 -0.88
N ASP B 298 -5.57 -7.86 -1.86
CA ASP B 298 -4.40 -7.10 -2.28
C ASP B 298 -4.87 -5.89 -3.08
N ALA B 299 -3.93 -4.99 -3.33
CA ALA B 299 -4.22 -3.78 -4.12
C ALA B 299 -4.05 -4.03 -5.61
N GLY B 300 -4.40 -3.04 -6.42
CA GLY B 300 -4.35 -3.19 -7.84
C GLY B 300 -3.00 -3.15 -8.55
N TRP B 301 -1.94 -2.79 -7.83
CA TRP B 301 -0.58 -2.54 -8.41
C TRP B 301 -0.08 -3.70 -9.27
N LYS B 302 -0.25 -4.93 -8.79
CA LYS B 302 0.27 -6.11 -9.51
C LYS B 302 -0.58 -6.52 -10.71
N TYR B 303 -1.67 -5.83 -10.96
CA TYR B 303 -2.60 -6.20 -12.02
C TYR B 303 -2.68 -5.14 -13.13
N LEU B 304 -1.88 -4.09 -13.02
CA LEU B 304 -1.97 -2.98 -13.98
C LEU B 304 -1.68 -3.45 -15.42
N SER B 305 -0.70 -4.35 -15.57
CA SER B 305 -0.39 -4.93 -16.87
C SER B 305 -1.51 -5.74 -17.51
N THR B 306 -2.57 -6.07 -16.79
CA THR B 306 -3.75 -6.68 -17.45
C THR B 306 -4.63 -5.77 -18.31
N GLY B 307 -4.49 -4.45 -18.17
CA GLY B 307 -5.39 -3.48 -18.82
C GLY B 307 -6.72 -3.27 -18.16
N ALA B 308 -7.04 -4.04 -17.09
CA ALA B 308 -8.35 -3.95 -16.46
C ALA B 308 -8.72 -2.56 -15.95
N TYR B 309 -7.73 -1.70 -15.66
CA TYR B 309 -8.00 -0.43 -15.02
C TYR B 309 -7.98 0.76 -15.99
N ALA B 310 -7.65 0.48 -17.24
CA ALA B 310 -7.46 1.50 -18.25
C ALA B 310 -8.77 1.72 -19.02
N GLY B 311 -8.99 2.96 -19.46
CA GLY B 311 -10.05 3.29 -20.42
C GLY B 311 -11.44 3.00 -19.91
N SER B 312 -12.32 2.54 -20.79
CA SER B 312 -13.71 2.23 -20.46
C SER B 312 -13.85 0.74 -20.16
N LEU B 313 -14.97 0.31 -19.58
CA LEU B 313 -15.22 -1.13 -19.39
C LEU B 313 -15.23 -1.87 -20.73
N ASP B 314 -15.82 -1.24 -21.74
CA ASP B 314 -15.75 -1.71 -23.14
C ASP B 314 -14.30 -2.04 -23.52
N ASP B 315 -13.39 -1.07 -23.32
CA ASP B 315 -11.95 -1.25 -23.61
C ASP B 315 -11.37 -2.41 -22.78
N ALA B 316 -11.67 -2.42 -21.48
CA ALA B 316 -11.16 -3.45 -20.59
C ALA B 316 -11.61 -4.85 -21.02
N GLU B 317 -12.91 -4.99 -21.35
CA GLU B 317 -13.42 -6.26 -21.87
C GLU B 317 -12.68 -6.69 -23.15
N THR B 318 -12.42 -5.75 -24.05
CA THR B 318 -11.66 -6.04 -25.26
C THR B 318 -10.21 -6.48 -24.95
N ALA B 319 -9.57 -5.76 -24.03
CA ALA B 319 -8.22 -6.08 -23.58
C ALA B 319 -8.10 -7.51 -22.97
N LEU B 320 -9.17 -7.98 -22.32
CA LEU B 320 -9.21 -9.36 -21.79
C LEU B 320 -9.17 -10.46 -22.84
N GLU B 321 -9.61 -10.18 -24.07
CA GLU B 321 -9.63 -11.25 -25.08
C GLU B 321 -8.21 -11.75 -25.29
N GLY B 322 -8.01 -13.05 -25.17
CA GLY B 322 -6.72 -13.66 -25.45
C GLY B 322 -5.83 -13.81 -24.22
N GLN B 323 -6.22 -13.20 -23.12
CA GLN B 323 -5.43 -13.30 -21.90
C GLN B 323 -5.70 -14.64 -21.24
N LEU B 324 -4.69 -15.20 -20.63
CA LEU B 324 -4.84 -16.45 -19.92
C LEU B 324 -4.18 -16.28 -18.57
N TRP B 325 -4.95 -16.35 -17.50
CA TRP B 325 -4.45 -15.96 -16.17
C TRP B 325 -4.00 -17.15 -15.34
N1 PLP C . 8.51 11.66 -1.78
C2 PLP C . 7.30 11.33 -2.31
C2A PLP C . 7.07 9.97 -2.92
C3 PLP C . 6.24 12.34 -2.33
O3 PLP C . 5.05 12.07 -2.81
C4 PLP C . 6.51 13.68 -1.73
C4A PLP C . 5.48 14.73 -1.71
C5 PLP C . 7.84 13.92 -1.16
C6 PLP C . 8.77 12.88 -1.23
C5A PLP C . 8.20 15.28 -0.56
O4P PLP C . 7.28 15.66 0.48
P PLP C . 6.79 17.17 0.66
O1P PLP C . 5.88 17.13 1.87
O2P PLP C . 6.03 17.46 -0.62
O3P PLP C . 8.03 18.01 0.84
OAA 68W D . 4.17 13.08 -6.44
CAS 68W D . 4.00 14.25 -5.95
OAC 68W D . 2.87 14.78 -5.94
CAW 68W D . 5.11 15.00 -5.47
CAO 68W D . 6.33 14.32 -5.34
CAK 68W D . 5.05 16.38 -5.15
CAG 68W D . 6.22 17.02 -4.71
CAI 68W D . 7.41 16.33 -4.60
CAU 68W D . 7.49 14.95 -4.86
NAQ 68W D . 8.60 14.13 -4.79
CAT 68W D . 9.78 14.44 -4.14
OAB 68W D . 9.98 15.54 -3.56
NAR 68W D . 10.71 13.45 -4.29
CAV 68W D . 11.99 13.43 -3.73
CAP 68W D . 12.97 12.73 -4.41
CAJ 68W D . 12.35 14.10 -2.56
CAH 68W D . 13.66 13.98 -2.05
CAN 68W D . 14.64 13.27 -2.73
CAY 68W D . 14.28 12.59 -3.92
CAX 68W D . 15.23 11.88 -4.67
CAL 68W D . 14.88 10.83 -5.49
CAE 68W D . 15.83 10.14 -6.25
CAD 68W D . 17.14 10.54 -6.18
CAF 68W D . 17.51 11.60 -5.39
CAM 68W D . 16.54 12.28 -4.65
C ACT E . 4.82 -1.37 4.31
O ACT E . 4.70 -2.48 4.87
OXT ACT E . 3.89 -0.53 4.38
CH3 ACT E . 6.07 -0.99 3.58
C ACT F . -2.41 1.39 -1.58
O ACT F . -2.46 1.74 -0.41
OXT ACT F . -1.41 0.82 -2.00
CH3 ACT F . -3.66 1.32 -2.38
C ACT G . 4.74 16.60 -9.61
O ACT G . 3.66 16.66 -10.25
OXT ACT G . 5.16 17.55 -8.89
CH3 ACT G . 5.56 15.34 -9.69
N1 PLP H . -7.20 -13.30 -3.40
C2 PLP H . -5.87 -13.09 -3.43
C2A PLP H . -5.27 -11.88 -4.12
C3 PLP H . -4.96 -14.04 -2.80
O3 PLP H . -3.62 -13.86 -2.80
C4 PLP H . -5.53 -15.20 -2.12
C4A PLP H . -4.70 -16.20 -1.44
C5 PLP H . -6.98 -15.35 -2.15
C6 PLP H . -7.75 -14.39 -2.77
C5A PLP H . -7.64 -16.56 -1.50
O4P PLP H . -7.37 -16.68 -0.13
P PLP H . -7.07 -18.17 0.48
O1P PLP H . -6.96 -17.92 1.94
O2P PLP H . -5.82 -18.76 -0.13
O3P PLP H . -8.28 -19.08 0.17
OAA 68W I . 0.22 -18.52 -3.81
CAS 68W I . -0.72 -17.68 -3.80
OAC 68W I . -0.40 -16.48 -3.65
CAW 68W I . -2.06 -18.10 -3.96
CAO 68W I . -3.05 -17.26 -4.46
CAK 68W I . -2.40 -19.45 -3.74
CAG 68W I . -3.72 -19.90 -3.96
CAI 68W I . -4.70 -19.04 -4.44
CAU 68W I . -4.39 -17.67 -4.66
NAQ 68W I . -5.24 -16.77 -5.23
CAT 68W I . -6.60 -16.93 -5.39
OAB 68W I . -7.25 -17.80 -4.82
NAR 68W I . -7.18 -15.91 -6.07
CAV 68W I . -8.54 -15.79 -6.32
CAP 68W I . -8.94 -15.24 -7.55
CAJ 68W I . -9.54 -16.13 -5.39
CAH 68W I . -10.87 -15.93 -5.71
CAN 68W I . -11.27 -15.37 -6.93
CAY 68W I . -10.29 -15.05 -7.89
CAX 68W I . -10.67 -14.53 -9.15
CAL 68W I . -9.80 -13.72 -9.88
CAE 68W I . -10.15 -13.17 -11.11
CAD 68W I . -11.36 -13.48 -11.66
CAF 68W I . -12.24 -14.34 -10.99
CAM 68W I . -11.88 -14.85 -9.72
C ACT J . 2.10 -2.37 0.78
O ACT J . 3.18 -2.93 0.91
OXT ACT J . 1.78 -2.02 -0.35
CH3 ACT J . 1.33 -1.86 1.95
C ACT K . -6.53 1.11 1.10
O ACT K . -5.66 0.37 1.56
OXT ACT K . -6.89 2.11 1.74
CH3 ACT K . -7.13 0.77 -0.24
#